data_1I2M
#
_entry.id   1I2M
#
_cell.length_a   50.334
_cell.length_b   71.447
_cell.length_c   77.729
_cell.angle_alpha   100.92
_cell.angle_beta   92.05
_cell.angle_gamma   104.47
#
_symmetry.space_group_name_H-M   'P 1'
#
loop_
_entity.id
_entity.type
_entity.pdbx_description
1 polymer 'GTP-BINDING NUCLEAR PROTEIN RAN'
2 polymer 'REGULATOR OF CHROMOSOME CONDENSATION 1'
3 non-polymer 'SULFATE ION'
4 water water
#
loop_
_entity_poly.entity_id
_entity_poly.type
_entity_poly.pdbx_seq_one_letter_code
_entity_poly.pdbx_strand_id
1 'polypeptide(L)'
;MAAQGEPQVQFKLVLVGDGGTGKTTFVKRHLTGEFEKKYVATLGVEVHPLVFHTNRGPIKFNVWDTAGQEKFGGLRDGYY
IQAQCAIIMFDVTSRVTYKNVPNWHRDLVRVCENIPIVLCGNKVDIKDRKVKAKSIVFHRKKNLQYYDISAKSNYNFEKP
FLWLARKLIGDPNLEFVAMPALAPPEVVMDPALAAQYEHDLEVAQTTALPDEDDDL
;
A,C
2 'polypeptide(L)'
;SKKVKVSHRSHSTEPGLVLTLGQGDVGQLGLGENVMERKKPALVSIPEDVVQAEAGGMHTVCLSKSGQVYSFGCNDEGAL
GRDTSVEGSEMVPGKVELQEKVVQVSAGDSHTAALTDDGRVFLWGSFRDNNGVIGLLEPMKKSMVPVQVQLDVPVVKVAS
GNDHLVMLTADGDLYTLGCGEQGQLGRVPELFANRGGRQGLERLLVPKCVMLKSRGSRGHVRFQDAFCGAYFTFAISHEG
HVYGFGLSNYHQLGTPGTESCFIPQNLTSFKNSTKSWVGFSGGQHHTVCMDSEGKAYSLGRAEYGRLGLGEGAEEKSIPT
LISRLPAVSSVACGASVGYAVTKDGRVFAWGMGTNYQLGTGQDEDAWSPVEMMGKQLENRVVLSVSSGGQHTVLLVKDKE
QS
;
B,D
#
loop_
_chem_comp.id
_chem_comp.type
_chem_comp.name
_chem_comp.formula
SO4 non-polymer 'SULFATE ION' 'O4 S -2'
#
# COMPACT_ATOMS: atom_id res chain seq x y z
N GLN A 8 28.02 -40.96 12.84
CA GLN A 8 27.17 -39.94 13.45
C GLN A 8 25.76 -39.99 12.88
N VAL A 9 24.78 -39.97 13.78
CA VAL A 9 23.37 -40.03 13.42
C VAL A 9 22.84 -38.67 12.97
N GLN A 10 22.39 -38.59 11.71
CA GLN A 10 21.86 -37.34 11.17
C GLN A 10 20.54 -37.60 10.43
N PHE A 11 19.59 -36.67 10.57
CA PHE A 11 18.29 -36.83 9.92
C PHE A 11 17.76 -35.54 9.28
N LYS A 12 17.19 -35.67 8.08
CA LYS A 12 16.61 -34.51 7.43
C LYS A 12 15.18 -34.43 7.96
N LEU A 13 14.85 -33.31 8.57
CA LEU A 13 13.51 -33.09 9.13
C LEU A 13 12.86 -31.92 8.40
N VAL A 14 11.67 -32.17 7.84
CA VAL A 14 10.95 -31.11 7.15
C VAL A 14 9.94 -30.47 8.09
N LEU A 15 10.04 -29.16 8.23
CA LEU A 15 9.13 -28.40 9.08
C LEU A 15 8.20 -27.60 8.16
N VAL A 16 6.90 -27.89 8.24
CA VAL A 16 5.92 -27.20 7.40
C VAL A 16 4.79 -26.62 8.24
N GLY A 17 4.18 -25.55 7.73
CA GLY A 17 3.09 -24.92 8.44
C GLY A 17 2.82 -23.55 7.85
N ASP A 18 1.63 -23.03 8.15
CA ASP A 18 1.22 -21.72 7.66
C ASP A 18 2.13 -20.64 8.24
N GLY A 19 2.17 -19.49 7.58
CA GLY A 19 2.99 -18.41 8.07
C GLY A 19 2.40 -17.92 9.38
N GLY A 20 3.25 -17.48 10.30
CA GLY A 20 2.78 -16.98 11.58
C GLY A 20 2.37 -18.03 12.59
N THR A 21 2.79 -19.28 12.37
CA THR A 21 2.45 -20.35 13.30
C THR A 21 3.59 -20.64 14.28
N GLY A 22 4.62 -19.80 14.23
CA GLY A 22 5.75 -19.94 15.12
C GLY A 22 6.88 -20.86 14.72
N LYS A 23 6.97 -21.20 13.44
CA LYS A 23 8.02 -22.10 12.96
C LYS A 23 9.42 -21.53 13.20
N THR A 24 9.62 -20.25 12.86
CA THR A 24 10.92 -19.63 13.05
C THR A 24 11.33 -19.60 14.52
N THR A 25 10.44 -19.08 15.36
CA THR A 25 10.69 -19.00 16.79
C THR A 25 11.00 -20.38 17.35
N PHE A 26 10.24 -21.38 16.89
CA PHE A 26 10.42 -22.76 17.34
C PHE A 26 11.86 -23.20 17.13
N VAL A 27 12.36 -23.01 15.91
CA VAL A 27 13.72 -23.40 15.58
C VAL A 27 14.76 -22.58 16.35
N LYS A 28 14.62 -21.26 16.31
CA LYS A 28 15.53 -20.35 17.00
C LYS A 28 15.85 -20.79 18.42
N ARG A 29 14.83 -21.19 19.16
CA ARG A 29 14.99 -21.61 20.54
C ARG A 29 15.76 -22.90 20.77
N HIS A 30 16.01 -23.66 19.71
CA HIS A 30 16.77 -24.89 19.84
C HIS A 30 18.20 -24.71 19.32
N LEU A 31 18.58 -23.46 19.09
CA LEU A 31 19.91 -23.14 18.60
C LEU A 31 20.84 -22.77 19.76
N LYS A 37 26.42 -23.09 11.34
CA LYS A 37 25.19 -22.31 11.46
C LYS A 37 24.18 -22.78 10.43
N LYS A 38 23.21 -21.92 10.12
CA LYS A 38 22.20 -22.26 9.13
C LYS A 38 22.83 -22.22 7.74
N TYR A 39 22.21 -22.89 6.79
CA TYR A 39 22.73 -22.90 5.43
C TYR A 39 21.60 -23.07 4.43
N VAL A 40 21.88 -22.72 3.18
CA VAL A 40 20.90 -22.85 2.11
C VAL A 40 21.20 -24.14 1.36
N ALA A 41 20.20 -25.02 1.28
CA ALA A 41 20.35 -26.28 0.55
C ALA A 41 19.56 -26.10 -0.75
N THR A 42 18.83 -24.99 -0.82
CA THR A 42 18.05 -24.67 -2.00
C THR A 42 17.32 -23.32 -1.88
N LEU A 43 16.61 -22.96 -2.95
CA LEU A 43 15.88 -21.70 -3.02
C LEU A 43 14.85 -21.41 -1.92
N GLY A 44 15.01 -20.25 -1.28
CA GLY A 44 14.09 -19.81 -0.24
C GLY A 44 13.91 -20.69 0.98
N VAL A 45 14.79 -21.67 1.17
CA VAL A 45 14.68 -22.56 2.32
C VAL A 45 15.99 -22.70 3.08
N GLU A 46 15.98 -22.25 4.33
CA GLU A 46 17.17 -22.34 5.18
C GLU A 46 17.09 -23.65 5.97
N VAL A 47 18.24 -24.26 6.21
CA VAL A 47 18.33 -25.49 6.98
C VAL A 47 19.08 -25.16 8.26
N HIS A 48 18.52 -25.57 9.40
CA HIS A 48 19.14 -25.32 10.69
C HIS A 48 19.49 -26.64 11.36
N PRO A 49 20.78 -26.95 11.49
CA PRO A 49 21.15 -28.21 12.15
C PRO A 49 20.96 -28.10 13.66
N LEU A 50 20.25 -29.07 14.23
CA LEU A 50 20.01 -29.08 15.67
C LEU A 50 20.56 -30.38 16.24
N VAL A 51 21.44 -30.26 17.22
CA VAL A 51 22.03 -31.44 17.84
C VAL A 51 21.45 -31.69 19.22
N PHE A 52 20.98 -32.91 19.46
CA PHE A 52 20.44 -33.27 20.76
C PHE A 52 21.33 -34.35 21.35
N HIS A 53 21.73 -34.18 22.60
CA HIS A 53 22.55 -35.19 23.25
C HIS A 53 21.58 -36.15 23.94
N THR A 54 21.86 -37.43 23.85
CA THR A 54 20.98 -38.43 24.44
C THR A 54 21.76 -39.55 25.11
N ASN A 55 21.02 -40.48 25.71
CA ASN A 55 21.61 -41.63 26.38
C ASN A 55 22.04 -42.68 25.35
N ARG A 56 21.93 -42.34 24.08
CA ARG A 56 22.31 -43.24 22.98
C ARG A 56 23.30 -42.55 22.05
N GLY A 57 23.80 -41.39 22.48
CA GLY A 57 24.75 -40.65 21.66
C GLY A 57 24.10 -39.44 21.02
N PRO A 58 24.90 -38.56 20.41
CA PRO A 58 24.32 -37.36 19.77
C PRO A 58 23.50 -37.67 18.52
N ILE A 59 22.43 -36.89 18.36
CA ILE A 59 21.53 -37.02 17.21
C ILE A 59 21.34 -35.64 16.63
N LYS A 60 21.58 -35.52 15.33
CA LYS A 60 21.44 -34.22 14.68
C LYS A 60 20.25 -34.19 13.75
N PHE A 61 19.43 -33.16 13.89
CA PHE A 61 18.28 -33.01 13.01
C PHE A 61 18.57 -31.83 12.11
N ASN A 62 18.55 -32.03 10.81
CA ASN A 62 18.77 -30.94 9.88
C ASN A 62 17.37 -30.48 9.52
N VAL A 63 16.94 -29.41 10.18
CA VAL A 63 15.60 -28.86 10.01
C VAL A 63 15.43 -27.92 8.83
N TRP A 64 14.61 -28.36 7.87
CA TRP A 64 14.31 -27.54 6.69
C TRP A 64 13.06 -26.74 6.99
N ASP A 65 13.20 -25.43 7.09
CA ASP A 65 12.05 -24.56 7.36
C ASP A 65 11.51 -24.16 5.99
N THR A 66 10.62 -24.99 5.45
CA THR A 66 10.05 -24.74 4.12
C THR A 66 9.50 -23.34 3.92
N ALA A 67 9.07 -22.71 5.00
CA ALA A 67 8.55 -21.34 4.96
C ALA A 67 7.55 -21.04 3.86
N GLY A 68 6.60 -21.95 3.64
CA GLY A 68 5.59 -21.75 2.63
C GLY A 68 6.00 -22.03 1.19
N GLN A 69 7.27 -22.35 0.97
CA GLN A 69 7.74 -22.62 -0.37
C GLN A 69 7.06 -23.84 -0.98
N GLU A 70 6.57 -24.75 -0.14
CA GLU A 70 5.89 -25.93 -0.67
C GLU A 70 4.58 -25.48 -1.33
N LYS A 71 4.10 -24.30 -0.95
CA LYS A 71 2.86 -23.77 -1.53
C LYS A 71 3.12 -22.82 -2.70
N PHE A 72 4.13 -21.96 -2.54
CA PHE A 72 4.42 -20.93 -3.52
C PHE A 72 5.67 -21.08 -4.41
N GLY A 73 6.60 -21.94 -4.02
CA GLY A 73 7.82 -22.13 -4.79
C GLY A 73 7.72 -23.08 -5.97
N GLY A 74 8.85 -23.40 -6.59
CA GLY A 74 8.84 -24.27 -7.74
C GLY A 74 9.66 -25.55 -7.69
N LEU A 75 10.14 -25.94 -6.53
CA LEU A 75 10.94 -27.15 -6.43
C LEU A 75 10.12 -28.43 -6.46
N ARG A 76 8.79 -28.29 -6.43
CA ARG A 76 7.92 -29.45 -6.46
C ARG A 76 8.25 -30.43 -5.32
N ASP A 77 8.47 -31.70 -5.65
CA ASP A 77 8.80 -32.69 -4.62
C ASP A 77 10.15 -32.46 -3.97
N GLY A 78 10.93 -31.55 -4.53
CA GLY A 78 12.26 -31.26 -3.99
C GLY A 78 12.30 -30.86 -2.52
N TYR A 79 11.25 -30.23 -2.03
CA TYR A 79 11.25 -29.82 -0.62
C TYR A 79 11.18 -31.03 0.32
N TYR A 80 10.45 -32.06 -0.10
CA TYR A 80 10.25 -33.25 0.72
C TYR A 80 11.15 -34.45 0.46
N ILE A 81 11.69 -34.54 -0.75
CA ILE A 81 12.53 -35.68 -1.12
C ILE A 81 13.65 -35.96 -0.12
N GLN A 82 13.82 -37.24 0.22
CA GLN A 82 14.85 -37.67 1.16
C GLN A 82 14.61 -37.29 2.61
N ALA A 83 13.43 -36.75 2.93
CA ALA A 83 13.14 -36.40 4.32
C ALA A 83 12.93 -37.70 5.08
N GLN A 84 13.48 -37.76 6.29
CA GLN A 84 13.36 -38.95 7.12
C GLN A 84 12.29 -38.80 8.20
N CYS A 85 11.83 -37.56 8.38
CA CYS A 85 10.81 -37.27 9.38
C CYS A 85 10.26 -35.87 9.12
N ALA A 86 9.17 -35.53 9.79
CA ALA A 86 8.59 -34.22 9.59
C ALA A 86 7.79 -33.73 10.78
N ILE A 87 7.65 -32.42 10.83
CA ILE A 87 6.86 -31.76 11.86
C ILE A 87 5.91 -30.82 11.14
N ILE A 88 4.61 -31.02 11.37
CA ILE A 88 3.59 -30.17 10.78
C ILE A 88 3.14 -29.26 11.93
N MET A 89 3.28 -27.96 11.73
CA MET A 89 2.91 -27.04 12.80
C MET A 89 1.75 -26.13 12.43
N PHE A 90 0.92 -25.83 13.42
CA PHE A 90 -0.20 -24.92 13.21
C PHE A 90 -0.45 -24.16 14.50
N ASP A 91 -1.28 -23.12 14.40
CA ASP A 91 -1.60 -22.27 15.54
C ASP A 91 -2.95 -22.66 16.13
N VAL A 92 -2.92 -23.21 17.34
CA VAL A 92 -4.14 -23.64 18.00
C VAL A 92 -5.05 -22.48 18.37
N THR A 93 -4.52 -21.26 18.34
CA THR A 93 -5.31 -20.07 18.66
C THR A 93 -5.83 -19.37 17.40
N SER A 94 -5.49 -19.91 16.23
CA SER A 94 -5.95 -19.39 14.93
C SER A 94 -6.04 -20.64 14.06
N ARG A 95 -7.06 -21.43 14.33
CA ARG A 95 -7.26 -22.71 13.67
C ARG A 95 -7.43 -22.79 12.16
N VAL A 96 -7.51 -21.65 11.48
CA VAL A 96 -7.58 -21.69 10.03
C VAL A 96 -6.24 -22.27 9.54
N THR A 97 -5.22 -22.21 10.38
CA THR A 97 -3.88 -22.72 10.02
C THR A 97 -3.84 -24.25 9.95
N TYR A 98 -4.93 -24.88 10.35
CA TYR A 98 -5.02 -26.34 10.29
C TYR A 98 -5.52 -26.74 8.90
N LYS A 99 -6.04 -25.77 8.16
CA LYS A 99 -6.60 -26.00 6.83
C LYS A 99 -5.81 -26.96 5.92
N ASN A 100 -4.52 -26.71 5.76
CA ASN A 100 -3.68 -27.53 4.87
C ASN A 100 -3.07 -28.80 5.45
N VAL A 101 -3.35 -29.11 6.71
CA VAL A 101 -2.75 -30.30 7.31
C VAL A 101 -2.97 -31.58 6.49
N PRO A 102 -4.18 -31.81 5.97
CA PRO A 102 -4.38 -33.03 5.17
C PRO A 102 -3.52 -33.08 3.92
N ASN A 103 -3.35 -31.92 3.26
CA ASN A 103 -2.55 -31.83 2.06
C ASN A 103 -1.07 -32.07 2.35
N TRP A 104 -0.56 -31.45 3.42
CA TRP A 104 0.83 -31.66 3.79
C TRP A 104 1.04 -33.13 4.13
N HIS A 105 0.09 -33.70 4.87
CA HIS A 105 0.18 -35.11 5.25
C HIS A 105 0.19 -36.03 4.03
N ARG A 106 -0.70 -35.79 3.07
CA ARG A 106 -0.75 -36.60 1.85
C ARG A 106 0.54 -36.51 1.04
N ASP A 107 1.04 -35.28 0.88
CA ASP A 107 2.26 -35.06 0.11
C ASP A 107 3.47 -35.72 0.76
N LEU A 108 3.56 -35.62 2.07
CA LEU A 108 4.68 -36.22 2.79
C LEU A 108 4.68 -37.74 2.62
N VAL A 109 3.51 -38.35 2.67
CA VAL A 109 3.42 -39.80 2.51
C VAL A 109 3.69 -40.21 1.07
N ARG A 110 3.25 -39.38 0.12
CA ARG A 110 3.45 -39.66 -1.29
C ARG A 110 4.92 -39.59 -1.69
N VAL A 111 5.62 -38.58 -1.18
CA VAL A 111 7.03 -38.38 -1.52
C VAL A 111 8.02 -39.18 -0.66
N CYS A 112 7.69 -39.42 0.60
CA CYS A 112 8.60 -40.12 1.50
C CYS A 112 8.11 -41.45 2.00
N GLU A 113 6.80 -41.68 1.89
CA GLU A 113 6.16 -42.91 2.35
C GLU A 113 5.85 -42.87 3.85
N ASN A 114 6.10 -43.98 4.53
CA ASN A 114 5.81 -44.08 5.97
C ASN A 114 6.85 -43.46 6.89
N ILE A 115 7.14 -42.18 6.73
CA ILE A 115 8.10 -41.53 7.61
C ILE A 115 7.34 -41.05 8.84
N PRO A 116 8.02 -40.96 9.98
CA PRO A 116 7.36 -40.50 11.21
C PRO A 116 7.04 -39.01 11.10
N ILE A 117 5.82 -38.64 11.48
CA ILE A 117 5.38 -37.25 11.41
C ILE A 117 4.68 -36.83 12.68
N VAL A 118 5.04 -35.65 13.17
CA VAL A 118 4.43 -35.12 14.37
C VAL A 118 3.64 -33.86 14.05
N LEU A 119 2.43 -33.76 14.61
CA LEU A 119 1.59 -32.58 14.41
C LEU A 119 1.72 -31.75 15.69
N CYS A 120 2.11 -30.49 15.54
CA CYS A 120 2.28 -29.61 16.69
C CYS A 120 1.30 -28.45 16.74
N GLY A 121 0.54 -28.38 17.83
CA GLY A 121 -0.40 -27.30 18.03
C GLY A 121 0.29 -26.25 18.86
N ASN A 122 0.71 -25.17 18.21
CA ASN A 122 1.41 -24.09 18.89
C ASN A 122 0.42 -23.04 19.40
N LYS A 123 0.59 -22.65 20.65
CA LYS A 123 -0.29 -21.64 21.23
C LYS A 123 0.40 -20.29 21.05
N VAL A 124 0.22 -19.71 19.86
CA VAL A 124 0.85 -18.42 19.55
C VAL A 124 0.23 -17.28 20.36
N ASP A 125 -1.09 -17.23 20.43
CA ASP A 125 -1.79 -16.19 21.18
C ASP A 125 -1.70 -16.54 22.66
N ILE A 126 -0.55 -16.28 23.27
CA ILE A 126 -0.34 -16.60 24.68
C ILE A 126 -1.10 -15.65 25.62
N LYS A 127 -2.37 -15.41 25.29
CA LYS A 127 -3.23 -14.53 26.09
C LYS A 127 -4.70 -14.93 25.96
N ASP A 128 -5.06 -16.06 26.55
CA ASP A 128 -6.42 -16.60 26.54
C ASP A 128 -6.30 -18.05 26.97
N ARG A 129 -6.71 -18.33 28.21
CA ARG A 129 -6.61 -19.67 28.77
C ARG A 129 -7.82 -20.56 28.53
N LYS A 130 -8.20 -20.70 27.26
CA LYS A 130 -9.29 -21.55 26.86
C LYS A 130 -8.79 -22.13 25.55
N VAL A 131 -7.61 -22.72 25.65
CA VAL A 131 -6.90 -23.35 24.55
C VAL A 131 -7.02 -24.85 24.78
N LYS A 132 -7.53 -25.18 25.97
CA LYS A 132 -7.75 -26.56 26.38
C LYS A 132 -9.14 -26.96 25.90
N ALA A 133 -9.64 -26.19 24.93
CA ALA A 133 -10.95 -26.43 24.32
C ALA A 133 -10.76 -26.32 22.82
N LYS A 134 -9.86 -25.44 22.40
CA LYS A 134 -9.57 -25.25 20.98
C LYS A 134 -8.62 -26.35 20.52
N SER A 135 -7.96 -27.00 21.48
CA SER A 135 -7.00 -28.06 21.19
C SER A 135 -7.53 -29.48 21.38
N ILE A 136 -8.57 -29.62 22.20
CA ILE A 136 -9.15 -30.93 22.47
C ILE A 136 -9.44 -31.72 21.20
N VAL A 137 -9.86 -31.01 20.16
CA VAL A 137 -10.19 -31.63 18.87
C VAL A 137 -9.01 -32.33 18.22
N PHE A 138 -7.80 -31.91 18.56
CA PHE A 138 -6.62 -32.50 17.94
C PHE A 138 -5.97 -33.66 18.70
N HIS A 139 -6.23 -33.76 20.01
CA HIS A 139 -5.67 -34.87 20.79
C HIS A 139 -6.41 -36.13 20.33
N ARG A 140 -7.64 -35.92 19.86
CA ARG A 140 -8.50 -36.97 19.35
C ARG A 140 -7.89 -37.35 17.99
N LYS A 141 -8.68 -37.91 17.08
CA LYS A 141 -8.16 -38.28 15.76
C LYS A 141 -7.33 -39.56 15.88
N LYS A 142 -6.00 -39.40 15.92
CA LYS A 142 -5.01 -40.48 16.07
C LYS A 142 -4.04 -40.79 14.92
N ASN A 143 -4.43 -40.50 13.68
CA ASN A 143 -3.53 -40.79 12.56
C ASN A 143 -2.11 -40.26 12.76
N LEU A 144 -1.99 -39.05 13.31
CA LEU A 144 -0.69 -38.43 13.56
C LEU A 144 -0.45 -38.15 15.04
N GLN A 145 0.80 -38.27 15.48
CA GLN A 145 1.16 -38.00 16.87
C GLN A 145 1.01 -36.49 17.09
N TYR A 146 0.26 -36.11 18.12
CA TYR A 146 0.03 -34.69 18.41
C TYR A 146 0.65 -34.20 19.72
N TYR A 147 1.13 -32.96 19.69
CA TYR A 147 1.71 -32.34 20.88
C TYR A 147 1.32 -30.87 20.95
N ASP A 148 0.97 -30.44 22.17
CA ASP A 148 0.63 -29.05 22.43
C ASP A 148 1.97 -28.40 22.79
N ILE A 149 2.29 -27.28 22.16
CA ILE A 149 3.55 -26.61 22.46
C ILE A 149 3.30 -25.11 22.58
N SER A 150 4.28 -24.39 23.09
CA SER A 150 4.12 -22.95 23.23
C SER A 150 5.42 -22.21 23.48
N ALA A 151 5.65 -21.15 22.71
CA ALA A 151 6.83 -20.32 22.90
C ALA A 151 6.49 -19.62 24.21
N LYS A 152 7.24 -19.94 25.25
CA LYS A 152 7.04 -19.42 26.60
C LYS A 152 7.16 -20.65 27.47
N SER A 153 8.27 -20.75 28.20
CA SER A 153 8.52 -21.90 29.05
C SER A 153 8.86 -23.09 28.16
N ASN A 154 9.10 -22.80 26.88
CA ASN A 154 9.43 -23.82 25.88
C ASN A 154 8.64 -25.10 26.14
N TYR A 155 7.39 -24.93 26.55
CA TYR A 155 6.51 -26.05 26.86
C TYR A 155 6.53 -27.11 25.75
N ASN A 156 6.91 -28.32 26.12
CA ASN A 156 6.97 -29.47 25.22
C ASN A 156 7.81 -29.25 23.97
N PHE A 157 8.62 -28.19 23.95
CA PHE A 157 9.46 -27.91 22.79
C PHE A 157 10.35 -29.06 22.36
N GLU A 158 10.71 -29.93 23.30
CA GLU A 158 11.56 -31.06 22.98
C GLU A 158 10.79 -32.33 22.63
N LYS A 159 9.53 -32.40 23.07
CA LYS A 159 8.65 -33.54 22.82
C LYS A 159 8.62 -34.08 21.39
N PRO A 160 8.37 -33.20 20.41
CA PRO A 160 8.32 -33.64 19.01
C PRO A 160 9.62 -34.31 18.57
N PHE A 161 10.74 -33.70 18.95
CA PHE A 161 12.03 -34.26 18.59
C PHE A 161 12.26 -35.58 19.28
N LEU A 162 11.88 -35.65 20.56
CA LEU A 162 12.06 -36.88 21.32
C LEU A 162 11.25 -38.03 20.70
N TRP A 163 10.00 -37.76 20.34
CA TRP A 163 9.14 -38.78 19.75
C TRP A 163 9.74 -39.27 18.43
N LEU A 164 10.15 -38.33 17.58
CA LEU A 164 10.73 -38.67 16.30
C LEU A 164 12.02 -39.47 16.48
N ALA A 165 12.88 -39.00 17.38
CA ALA A 165 14.15 -39.68 17.64
C ALA A 165 13.94 -41.14 18.04
N ARG A 166 12.97 -41.40 18.92
CA ARG A 166 12.69 -42.76 19.35
C ARG A 166 12.24 -43.64 18.18
N LYS A 167 11.38 -43.10 17.34
CA LYS A 167 10.88 -43.83 16.18
C LYS A 167 11.98 -44.09 15.16
N LEU A 168 12.83 -43.08 14.94
CA LEU A 168 13.92 -43.19 13.97
C LEU A 168 15.01 -44.16 14.43
N ILE A 169 15.33 -44.11 15.71
CA ILE A 169 16.38 -44.98 16.25
C ILE A 169 15.80 -46.35 16.63
N GLY A 170 14.49 -46.41 16.82
CA GLY A 170 13.86 -47.66 17.19
C GLY A 170 14.13 -48.03 18.63
N ASP A 171 14.33 -47.00 19.46
CA ASP A 171 14.62 -47.20 20.87
C ASP A 171 13.64 -46.43 21.74
N PRO A 172 12.60 -47.10 22.26
CA PRO A 172 11.57 -46.49 23.11
C PRO A 172 12.14 -45.94 24.42
N ASN A 173 13.35 -46.38 24.77
CA ASN A 173 13.99 -45.94 26.00
C ASN A 173 14.94 -44.77 25.81
N LEU A 174 14.98 -44.23 24.59
CA LEU A 174 15.82 -43.09 24.31
C LEU A 174 15.37 -41.91 25.14
N GLU A 175 16.34 -41.17 25.68
CA GLU A 175 16.06 -39.98 26.49
C GLU A 175 17.06 -38.89 26.14
N PHE A 176 16.61 -37.64 26.19
CA PHE A 176 17.48 -36.50 25.92
C PHE A 176 18.15 -36.12 27.24
N VAL A 177 19.43 -35.77 27.19
CA VAL A 177 20.14 -35.41 28.40
C VAL A 177 20.43 -33.92 28.48
N LYS B 5 -30.54 -1.75 -6.28
CA LYS B 5 -29.91 -0.84 -7.24
C LYS B 5 -28.88 -1.56 -8.10
N VAL B 6 -27.80 -2.04 -7.50
CA VAL B 6 -26.77 -2.75 -8.26
C VAL B 6 -27.22 -4.13 -8.69
N SER B 7 -26.68 -4.58 -9.82
CA SER B 7 -27.02 -5.90 -10.33
C SER B 7 -25.83 -6.44 -11.10
N HIS B 8 -25.72 -7.77 -11.13
CA HIS B 8 -24.66 -8.44 -11.84
C HIS B 8 -25.12 -9.88 -12.07
N ARG B 9 -24.72 -10.47 -13.18
CA ARG B 9 -25.11 -11.83 -13.49
C ARG B 9 -24.71 -12.82 -12.41
N SER B 10 -23.68 -12.49 -11.64
CA SER B 10 -23.20 -13.37 -10.58
C SER B 10 -24.13 -13.43 -9.37
N HIS B 11 -25.03 -12.45 -9.23
CA HIS B 11 -25.94 -12.44 -8.08
C HIS B 11 -26.90 -13.61 -8.16
N SER B 12 -27.14 -14.25 -7.01
CA SER B 12 -28.05 -15.40 -6.94
C SER B 12 -29.37 -15.00 -6.30
N THR B 13 -30.47 -15.50 -6.84
CA THR B 13 -31.80 -15.17 -6.32
C THR B 13 -32.77 -16.34 -6.13
N GLU B 14 -32.35 -17.54 -6.51
CA GLU B 14 -33.22 -18.70 -6.35
C GLU B 14 -33.10 -19.29 -4.94
N PRO B 15 -34.20 -19.26 -4.18
CA PRO B 15 -34.20 -19.78 -2.81
C PRO B 15 -33.98 -21.29 -2.74
N GLY B 16 -33.10 -21.71 -1.84
CA GLY B 16 -32.81 -23.12 -1.71
C GLY B 16 -32.47 -23.55 -0.29
N LEU B 17 -32.02 -24.79 -0.16
CA LEU B 17 -31.65 -25.38 1.11
C LEU B 17 -30.15 -25.62 1.11
N VAL B 18 -29.52 -25.47 2.26
CA VAL B 18 -28.09 -25.67 2.35
C VAL B 18 -27.68 -27.06 2.83
N LEU B 19 -26.76 -27.68 2.12
CA LEU B 19 -26.23 -28.99 2.48
C LEU B 19 -24.72 -28.86 2.61
N THR B 20 -24.12 -29.56 3.56
CA THR B 20 -22.68 -29.52 3.73
C THR B 20 -22.13 -30.94 3.86
N LEU B 21 -20.85 -31.10 3.55
CA LEU B 21 -20.19 -32.38 3.67
C LEU B 21 -18.70 -32.15 3.82
N GLY B 22 -18.01 -33.14 4.36
CA GLY B 22 -16.58 -33.03 4.57
C GLY B 22 -16.26 -33.01 6.05
N GLN B 23 -15.20 -32.28 6.40
CA GLN B 23 -14.75 -32.18 7.79
C GLN B 23 -15.40 -30.97 8.48
N GLY B 24 -15.64 -31.09 9.79
CA GLY B 24 -16.27 -30.01 10.53
C GLY B 24 -15.66 -29.76 11.89
N ASP B 25 -14.37 -30.04 12.00
CA ASP B 25 -13.61 -29.88 13.24
C ASP B 25 -13.80 -28.53 13.91
N VAL B 26 -13.97 -27.47 13.12
CA VAL B 26 -14.13 -26.15 13.72
C VAL B 26 -15.50 -25.53 13.51
N GLY B 27 -16.47 -26.36 13.14
CA GLY B 27 -17.84 -25.88 12.94
C GLY B 27 -18.26 -25.53 11.53
N GLN B 28 -17.38 -25.75 10.55
CA GLN B 28 -17.69 -25.39 9.17
C GLN B 28 -18.87 -26.13 8.53
N LEU B 29 -19.31 -27.24 9.14
CA LEU B 29 -20.46 -27.97 8.59
C LEU B 29 -21.77 -27.36 9.09
N GLY B 30 -21.71 -26.64 10.22
CA GLY B 30 -22.89 -26.01 10.78
C GLY B 30 -23.90 -27.00 11.33
N LEU B 31 -23.42 -28.19 11.69
CA LEU B 31 -24.31 -29.23 12.20
C LEU B 31 -24.25 -29.51 13.70
N GLY B 32 -23.69 -28.59 14.47
CA GLY B 32 -23.62 -28.83 15.91
C GLY B 32 -22.28 -29.25 16.47
N GLU B 33 -22.14 -29.11 17.79
CA GLU B 33 -20.92 -29.44 18.53
C GLU B 33 -20.28 -30.83 18.40
N ASN B 34 -21.02 -31.85 17.96
CA ASN B 34 -20.40 -33.16 17.81
C ASN B 34 -20.35 -33.80 16.42
N VAL B 35 -20.82 -33.08 15.42
CA VAL B 35 -20.77 -33.59 14.06
C VAL B 35 -19.47 -33.03 13.46
N MET B 36 -18.45 -33.88 13.45
CA MET B 36 -17.13 -33.50 12.95
C MET B 36 -16.89 -33.97 11.53
N GLU B 37 -17.80 -34.78 11.00
CA GLU B 37 -17.62 -35.30 9.66
C GLU B 37 -18.91 -35.80 9.02
N ARG B 38 -19.06 -35.51 7.72
CA ARG B 38 -20.22 -35.95 6.95
C ARG B 38 -19.70 -36.48 5.62
N LYS B 39 -19.92 -37.77 5.36
CA LYS B 39 -19.43 -38.38 4.12
C LYS B 39 -20.39 -38.14 2.96
N LYS B 40 -21.62 -37.78 3.26
CA LYS B 40 -22.62 -37.48 2.24
C LYS B 40 -23.32 -36.17 2.63
N PRO B 41 -23.85 -35.43 1.63
CA PRO B 41 -24.54 -34.18 1.90
C PRO B 41 -25.54 -34.23 3.05
N ALA B 42 -25.40 -33.29 3.98
CA ALA B 42 -26.27 -33.20 5.15
C ALA B 42 -26.97 -31.86 5.20
N LEU B 43 -28.26 -31.86 5.52
CA LEU B 43 -29.06 -30.65 5.58
C LEU B 43 -28.70 -29.75 6.77
N VAL B 44 -28.47 -28.49 6.48
CA VAL B 44 -28.13 -27.50 7.51
C VAL B 44 -29.40 -26.69 7.75
N SER B 45 -29.80 -26.57 9.01
CA SER B 45 -31.01 -25.83 9.36
C SER B 45 -30.79 -24.34 9.47
N ILE B 46 -31.49 -23.59 8.63
CA ILE B 46 -31.45 -22.12 8.61
C ILE B 46 -32.89 -21.66 8.69
N PRO B 47 -33.18 -20.61 9.48
CA PRO B 47 -34.52 -20.05 9.68
C PRO B 47 -35.24 -19.54 8.42
N GLU B 48 -34.50 -19.38 7.32
CA GLU B 48 -35.09 -18.89 6.08
C GLU B 48 -34.53 -19.63 4.87
N ASP B 49 -35.08 -19.33 3.70
CA ASP B 49 -34.59 -19.92 2.48
C ASP B 49 -33.29 -19.19 2.16
N VAL B 50 -32.36 -19.89 1.54
CA VAL B 50 -31.05 -19.33 1.20
C VAL B 50 -30.86 -19.14 -0.30
N VAL B 51 -30.23 -18.04 -0.70
CA VAL B 51 -29.99 -17.80 -2.11
C VAL B 51 -28.52 -17.97 -2.52
N GLN B 52 -27.62 -17.97 -1.54
CA GLN B 52 -26.20 -18.16 -1.83
C GLN B 52 -25.56 -18.83 -0.62
N ALA B 53 -24.70 -19.81 -0.88
CA ALA B 53 -23.99 -20.52 0.19
C ALA B 53 -22.52 -20.57 -0.24
N GLU B 54 -21.67 -19.87 0.50
CA GLU B 54 -20.25 -19.81 0.18
C GLU B 54 -19.38 -20.48 1.22
N ALA B 55 -18.37 -21.19 0.75
CA ALA B 55 -17.45 -21.84 1.67
C ALA B 55 -16.16 -21.03 1.73
N GLY B 56 -15.76 -20.67 2.94
CA GLY B 56 -14.50 -19.98 3.13
C GLY B 56 -13.53 -21.10 3.38
N GLY B 57 -12.30 -20.80 3.77
CA GLY B 57 -11.34 -21.87 4.00
C GLY B 57 -11.75 -22.84 5.10
N MET B 58 -12.21 -22.30 6.22
CA MET B 58 -12.63 -23.08 7.37
C MET B 58 -13.91 -22.52 7.99
N HIS B 59 -14.75 -21.91 7.16
CA HIS B 59 -16.02 -21.40 7.62
C HIS B 59 -16.99 -21.34 6.45
N THR B 60 -18.26 -21.12 6.76
CA THR B 60 -19.30 -21.07 5.75
C THR B 60 -20.18 -19.85 5.98
N VAL B 61 -20.57 -19.21 4.89
CA VAL B 61 -21.42 -18.04 4.96
C VAL B 61 -22.60 -18.23 4.03
N CYS B 62 -23.80 -18.05 4.55
CA CYS B 62 -25.01 -18.21 3.76
C CYS B 62 -25.81 -16.92 3.70
N LEU B 63 -26.40 -16.63 2.54
CA LEU B 63 -27.19 -15.41 2.37
C LEU B 63 -28.65 -15.78 2.22
N SER B 64 -29.51 -15.23 3.05
CA SER B 64 -30.93 -15.56 2.97
C SER B 64 -31.66 -14.77 1.90
N LYS B 65 -32.84 -15.24 1.55
CA LYS B 65 -33.67 -14.60 0.53
C LYS B 65 -33.98 -13.16 0.95
N SER B 66 -34.04 -12.90 2.24
CA SER B 66 -34.34 -11.55 2.74
C SER B 66 -33.12 -10.65 2.83
N GLY B 67 -31.94 -11.19 2.53
CA GLY B 67 -30.74 -10.38 2.58
C GLY B 67 -30.01 -10.42 3.91
N GLN B 68 -30.27 -11.45 4.72
CA GLN B 68 -29.62 -11.60 6.01
C GLN B 68 -28.48 -12.60 5.88
N VAL B 69 -27.38 -12.37 6.57
CA VAL B 69 -26.24 -13.27 6.50
C VAL B 69 -26.10 -14.17 7.72
N TYR B 70 -25.81 -15.45 7.48
CA TYR B 70 -25.62 -16.42 8.54
C TYR B 70 -24.24 -17.02 8.36
N SER B 71 -23.58 -17.38 9.46
CA SER B 71 -22.24 -17.95 9.36
C SER B 71 -21.98 -18.99 10.42
N PHE B 72 -21.01 -19.85 10.14
CA PHE B 72 -20.57 -20.90 11.05
C PHE B 72 -19.18 -21.36 10.65
N GLY B 73 -18.40 -21.78 11.63
CA GLY B 73 -17.04 -22.21 11.37
C GLY B 73 -16.06 -21.56 12.32
N CYS B 74 -14.79 -21.52 11.94
CA CYS B 74 -13.77 -20.94 12.81
C CYS B 74 -13.84 -19.42 12.87
N ASN B 75 -13.99 -18.89 14.08
CA ASN B 75 -14.09 -17.45 14.31
C ASN B 75 -12.88 -16.90 15.08
N ASP B 76 -11.75 -17.61 15.00
CA ASP B 76 -10.52 -17.18 15.68
C ASP B 76 -9.99 -15.83 15.17
N GLU B 77 -10.26 -15.51 13.91
CA GLU B 77 -9.81 -14.24 13.32
C GLU B 77 -10.98 -13.29 13.05
N GLY B 78 -12.16 -13.68 13.50
CA GLY B 78 -13.35 -12.86 13.33
C GLY B 78 -14.15 -13.10 12.07
N ALA B 79 -13.82 -14.15 11.32
CA ALA B 79 -14.50 -14.48 10.06
C ALA B 79 -16.01 -14.63 10.11
N LEU B 80 -16.54 -15.05 11.26
CA LEU B 80 -17.98 -15.24 11.39
C LEU B 80 -18.74 -13.93 11.56
N GLY B 81 -18.04 -12.89 11.98
CA GLY B 81 -18.69 -11.60 12.17
C GLY B 81 -19.85 -11.60 13.16
N ARG B 82 -19.70 -12.36 14.23
CA ARG B 82 -20.72 -12.43 15.26
C ARG B 82 -20.09 -12.95 16.56
N ASP B 83 -20.76 -12.72 17.67
CA ASP B 83 -20.24 -13.14 18.97
C ASP B 83 -20.40 -14.64 19.22
N THR B 84 -19.28 -15.32 19.40
CA THR B 84 -19.31 -16.76 19.65
C THR B 84 -18.70 -17.08 21.02
N SER B 85 -18.96 -16.22 22.00
CA SER B 85 -18.45 -16.40 23.35
C SER B 85 -18.98 -17.70 23.97
N VAL B 86 -20.25 -18.00 23.70
CA VAL B 86 -20.86 -19.20 24.24
C VAL B 86 -20.36 -20.43 23.52
N GLU B 87 -19.91 -21.40 24.30
CA GLU B 87 -19.39 -22.65 23.75
C GLU B 87 -20.38 -23.28 22.77
N GLY B 88 -19.86 -23.66 21.61
CA GLY B 88 -20.68 -24.30 20.60
C GLY B 88 -21.39 -23.38 19.62
N SER B 89 -21.46 -22.09 19.95
CA SER B 89 -22.15 -21.13 19.08
C SER B 89 -21.58 -21.01 17.67
N GLU B 90 -20.31 -21.36 17.50
CA GLU B 90 -19.66 -21.28 16.18
C GLU B 90 -19.98 -22.51 15.34
N MET B 91 -20.48 -23.56 15.97
CA MET B 91 -20.78 -24.82 15.31
C MET B 91 -22.14 -24.92 14.65
N VAL B 92 -22.99 -23.91 14.86
CA VAL B 92 -24.32 -23.88 14.26
C VAL B 92 -24.49 -22.52 13.59
N PRO B 93 -25.42 -22.42 12.62
CA PRO B 93 -25.64 -21.15 11.94
C PRO B 93 -26.03 -20.07 12.94
N GLY B 94 -25.47 -18.87 12.74
CA GLY B 94 -25.79 -17.75 13.62
C GLY B 94 -25.89 -16.53 12.73
N LYS B 95 -26.77 -15.60 13.07
CA LYS B 95 -26.95 -14.40 12.26
C LYS B 95 -25.83 -13.37 12.45
N VAL B 96 -25.46 -12.70 11.35
CA VAL B 96 -24.43 -11.66 11.39
C VAL B 96 -25.21 -10.35 11.57
N GLU B 97 -24.97 -9.64 12.66
CA GLU B 97 -25.68 -8.38 12.87
C GLU B 97 -25.24 -7.33 11.87
N LEU B 98 -26.08 -7.13 10.86
CA LEU B 98 -25.85 -6.16 9.80
C LEU B 98 -27.21 -5.70 9.27
N GLN B 99 -27.62 -4.51 9.67
CA GLN B 99 -28.91 -3.98 9.24
C GLN B 99 -28.84 -3.46 7.81
N GLU B 100 -28.58 -4.38 6.88
CA GLU B 100 -28.49 -4.03 5.46
C GLU B 100 -29.06 -5.19 4.65
N LYS B 101 -29.52 -4.88 3.44
CA LYS B 101 -30.04 -5.92 2.58
C LYS B 101 -28.87 -6.35 1.70
N VAL B 102 -28.28 -7.49 2.03
CA VAL B 102 -27.13 -8.01 1.29
C VAL B 102 -27.59 -8.81 0.07
N VAL B 103 -26.88 -8.63 -1.04
CA VAL B 103 -27.23 -9.36 -2.26
C VAL B 103 -26.18 -10.37 -2.69
N GLN B 104 -24.99 -10.31 -2.08
CA GLN B 104 -23.93 -11.24 -2.42
C GLN B 104 -22.87 -11.25 -1.33
N VAL B 105 -22.28 -12.42 -1.11
CA VAL B 105 -21.23 -12.57 -0.12
C VAL B 105 -20.06 -13.31 -0.75
N SER B 106 -18.89 -13.19 -0.13
CA SER B 106 -17.70 -13.91 -0.60
C SER B 106 -16.93 -14.23 0.66
N ALA B 107 -16.16 -15.31 0.64
CA ALA B 107 -15.42 -15.72 1.81
C ALA B 107 -14.02 -16.20 1.50
N GLY B 108 -13.06 -15.78 2.31
CA GLY B 108 -11.68 -16.21 2.13
C GLY B 108 -11.32 -17.12 3.30
N ASP B 109 -10.03 -17.16 3.64
CA ASP B 109 -9.57 -17.99 4.74
C ASP B 109 -9.90 -17.40 6.10
N SER B 110 -9.77 -16.09 6.24
CA SER B 110 -10.06 -15.46 7.52
C SER B 110 -10.93 -14.22 7.42
N HIS B 111 -11.49 -13.99 6.24
CA HIS B 111 -12.35 -12.83 6.04
C HIS B 111 -13.63 -13.18 5.31
N THR B 112 -14.62 -12.30 5.41
CA THR B 112 -15.90 -12.45 4.76
C THR B 112 -16.30 -11.08 4.26
N ALA B 113 -16.86 -11.02 3.06
CA ALA B 113 -17.29 -9.75 2.48
C ALA B 113 -18.78 -9.85 2.13
N ALA B 114 -19.50 -8.75 2.27
CA ALA B 114 -20.91 -8.74 1.95
C ALA B 114 -21.21 -7.50 1.12
N LEU B 115 -21.95 -7.68 0.04
CA LEU B 115 -22.31 -6.58 -0.84
C LEU B 115 -23.76 -6.20 -0.62
N THR B 116 -24.02 -4.92 -0.31
CA THR B 116 -25.39 -4.47 -0.09
C THR B 116 -26.08 -4.17 -1.42
N ASP B 117 -27.42 -4.17 -1.40
CA ASP B 117 -28.20 -3.92 -2.61
C ASP B 117 -27.91 -2.59 -3.28
N ASP B 118 -27.33 -1.64 -2.55
CA ASP B 118 -27.02 -0.35 -3.15
C ASP B 118 -25.54 -0.22 -3.50
N GLY B 119 -24.81 -1.33 -3.45
CA GLY B 119 -23.41 -1.32 -3.83
C GLY B 119 -22.34 -1.05 -2.81
N ARG B 120 -22.67 -1.09 -1.52
CA ARG B 120 -21.66 -0.87 -0.49
C ARG B 120 -21.08 -2.22 -0.05
N VAL B 121 -19.80 -2.22 0.29
CA VAL B 121 -19.14 -3.45 0.71
C VAL B 121 -18.79 -3.44 2.19
N PHE B 122 -19.23 -4.49 2.90
CA PHE B 122 -18.92 -4.63 4.31
C PHE B 122 -17.95 -5.80 4.40
N LEU B 123 -17.02 -5.71 5.33
CA LEU B 123 -15.98 -6.73 5.47
C LEU B 123 -15.68 -6.99 6.93
N TRP B 124 -15.29 -8.22 7.25
CA TRP B 124 -14.93 -8.56 8.61
C TRP B 124 -13.94 -9.72 8.64
N GLY B 125 -13.26 -9.85 9.77
CA GLY B 125 -12.25 -10.89 9.91
C GLY B 125 -10.88 -10.25 9.72
N SER B 126 -10.02 -10.93 8.99
CA SER B 126 -8.66 -10.43 8.76
C SER B 126 -8.03 -11.11 7.56
N PHE B 127 -6.91 -10.55 7.09
CA PHE B 127 -6.15 -11.14 5.98
C PHE B 127 -4.85 -11.61 6.62
N ARG B 128 -4.27 -12.68 6.09
CA ARG B 128 -3.01 -13.20 6.59
C ARG B 128 -2.05 -13.35 5.43
N ASP B 129 -0.76 -13.29 5.70
CA ASP B 129 0.25 -13.46 4.67
C ASP B 129 1.18 -14.54 5.17
N ASN B 130 2.34 -14.71 4.53
CA ASN B 130 3.27 -15.77 4.94
C ASN B 130 4.01 -15.53 6.26
N ASN B 131 3.55 -14.55 7.04
CA ASN B 131 4.15 -14.26 8.34
C ASN B 131 3.07 -14.05 9.39
N GLY B 132 1.81 -14.26 9.01
CA GLY B 132 0.73 -14.09 9.97
C GLY B 132 -0.28 -13.02 9.60
N VAL B 133 -1.07 -12.62 10.60
CA VAL B 133 -2.09 -11.59 10.42
C VAL B 133 -1.52 -10.23 10.01
N ILE B 134 -2.07 -9.65 8.94
CA ILE B 134 -1.62 -8.35 8.49
C ILE B 134 -2.71 -7.29 8.71
N GLY B 135 -3.87 -7.74 9.15
CA GLY B 135 -4.97 -6.82 9.41
C GLY B 135 -6.09 -6.94 8.39
N LEU B 136 -7.08 -6.06 8.50
CA LEU B 136 -8.21 -6.08 7.58
C LEU B 136 -8.21 -4.80 6.75
N LEU B 137 -8.64 -3.69 7.36
CA LEU B 137 -8.67 -2.42 6.66
C LEU B 137 -7.59 -1.51 7.23
N GLU B 138 -7.15 -1.81 8.44
CA GLU B 138 -6.10 -1.05 9.11
C GLU B 138 -4.98 -2.03 9.45
N PRO B 139 -3.71 -1.61 9.32
CA PRO B 139 -2.56 -2.47 9.61
C PRO B 139 -2.65 -3.24 10.91
N MET B 140 -2.25 -4.50 10.85
CA MET B 140 -2.23 -5.38 12.02
C MET B 140 -3.54 -5.43 12.81
N LYS B 141 -4.66 -5.05 12.21
CA LYS B 141 -5.92 -5.10 12.94
C LYS B 141 -7.11 -5.78 12.30
N LYS B 142 -7.59 -6.84 12.94
CA LYS B 142 -8.74 -7.59 12.45
C LYS B 142 -10.00 -6.95 12.99
N SER B 143 -11.15 -7.30 12.43
CA SER B 143 -12.41 -6.77 12.90
C SER B 143 -13.37 -7.92 13.12
N MET B 144 -13.87 -8.03 14.34
CA MET B 144 -14.79 -9.11 14.68
C MET B 144 -16.21 -8.79 14.19
N VAL B 145 -16.43 -7.53 13.82
CA VAL B 145 -17.74 -7.11 13.33
C VAL B 145 -17.64 -6.48 11.95
N PRO B 146 -18.76 -6.44 11.21
CA PRO B 146 -18.78 -5.85 9.87
C PRO B 146 -18.34 -4.38 9.86
N VAL B 147 -17.43 -4.04 8.96
CA VAL B 147 -16.98 -2.67 8.81
C VAL B 147 -17.11 -2.33 7.33
N GLN B 148 -17.55 -1.12 7.02
CA GLN B 148 -17.74 -0.73 5.63
C GLN B 148 -16.44 -0.33 4.96
N VAL B 149 -16.27 -0.80 3.73
CA VAL B 149 -15.08 -0.47 2.94
C VAL B 149 -15.40 0.87 2.29
N GLN B 150 -14.56 1.87 2.54
CA GLN B 150 -14.81 3.20 1.99
C GLN B 150 -14.49 3.33 0.50
N LEU B 151 -15.55 3.46 -0.29
CA LEU B 151 -15.45 3.61 -1.74
C LEU B 151 -16.49 4.62 -2.21
N ASP B 152 -16.12 5.48 -3.14
CA ASP B 152 -17.06 6.49 -3.65
C ASP B 152 -17.80 6.05 -4.91
N VAL B 153 -17.80 4.75 -5.18
CA VAL B 153 -18.49 4.21 -6.35
C VAL B 153 -19.16 2.89 -5.96
N PRO B 154 -20.32 2.59 -6.55
CA PRO B 154 -21.06 1.36 -6.26
C PRO B 154 -20.31 0.12 -6.75
N VAL B 155 -20.34 -0.94 -5.95
CA VAL B 155 -19.69 -2.19 -6.32
C VAL B 155 -20.78 -3.15 -6.75
N VAL B 156 -20.53 -3.93 -7.81
CA VAL B 156 -21.53 -4.86 -8.29
C VAL B 156 -21.21 -6.33 -8.02
N LYS B 157 -19.96 -6.62 -7.71
CA LYS B 157 -19.57 -8.00 -7.42
C LYS B 157 -18.36 -8.07 -6.50
N VAL B 158 -18.40 -9.01 -5.55
CA VAL B 158 -17.28 -9.25 -4.65
C VAL B 158 -16.83 -10.69 -4.88
N ALA B 159 -15.52 -10.93 -4.81
CA ALA B 159 -14.95 -12.26 -4.98
C ALA B 159 -13.74 -12.33 -4.05
N SER B 160 -13.51 -13.50 -3.44
CA SER B 160 -12.39 -13.65 -2.52
C SER B 160 -11.49 -14.84 -2.78
N GLY B 161 -10.20 -14.61 -2.55
CA GLY B 161 -9.21 -15.67 -2.65
C GLY B 161 -8.99 -16.00 -1.19
N ASN B 162 -7.93 -16.73 -0.87
CA ASN B 162 -7.66 -17.07 0.52
C ASN B 162 -7.45 -15.82 1.35
N ASP B 163 -6.64 -14.89 0.85
CA ASP B 163 -6.37 -13.70 1.62
C ASP B 163 -6.40 -12.39 0.85
N HIS B 164 -7.26 -12.33 -0.15
CA HIS B 164 -7.41 -11.09 -0.90
C HIS B 164 -8.86 -10.98 -1.36
N LEU B 165 -9.31 -9.75 -1.52
CA LEU B 165 -10.67 -9.44 -1.95
C LEU B 165 -10.63 -8.60 -3.21
N VAL B 166 -11.50 -8.92 -4.17
CA VAL B 166 -11.59 -8.13 -5.40
C VAL B 166 -13.01 -7.61 -5.49
N MET B 167 -13.16 -6.35 -5.88
CA MET B 167 -14.47 -5.72 -6.00
C MET B 167 -14.62 -5.09 -7.37
N LEU B 168 -15.61 -5.53 -8.14
CA LEU B 168 -15.86 -4.99 -9.48
C LEU B 168 -16.87 -3.85 -9.32
N THR B 169 -16.53 -2.67 -9.83
CA THR B 169 -17.44 -1.53 -9.71
C THR B 169 -18.44 -1.42 -10.85
N ALA B 170 -19.46 -0.60 -10.65
CA ALA B 170 -20.49 -0.38 -11.64
C ALA B 170 -19.89 0.14 -12.96
N ASP B 171 -18.73 0.77 -12.88
CA ASP B 171 -18.07 1.31 -14.06
C ASP B 171 -17.10 0.34 -14.74
N GLY B 172 -16.90 -0.83 -14.16
CA GLY B 172 -15.99 -1.79 -14.77
C GLY B 172 -14.59 -1.75 -14.20
N ASP B 173 -14.37 -0.97 -13.16
CA ASP B 173 -13.05 -0.91 -12.54
C ASP B 173 -12.94 -2.03 -11.53
N LEU B 174 -11.72 -2.53 -11.35
CA LEU B 174 -11.48 -3.61 -10.43
C LEU B 174 -10.61 -3.15 -9.27
N TYR B 175 -11.16 -3.14 -8.07
CA TYR B 175 -10.42 -2.75 -6.89
C TYR B 175 -10.01 -4.01 -6.14
N THR B 176 -8.80 -4.00 -5.59
CA THR B 176 -8.29 -5.15 -4.86
C THR B 176 -7.63 -4.73 -3.56
N LEU B 177 -7.61 -5.63 -2.59
CA LEU B 177 -6.97 -5.36 -1.31
C LEU B 177 -6.69 -6.68 -0.61
N GLY B 178 -5.77 -6.66 0.35
CA GLY B 178 -5.42 -7.86 1.08
C GLY B 178 -3.97 -8.21 0.85
N CYS B 179 -3.67 -9.50 0.86
CA CYS B 179 -2.31 -9.96 0.65
C CYS B 179 -1.98 -9.90 -0.85
N GLY B 180 -0.80 -9.37 -1.19
CA GLY B 180 -0.40 -9.28 -2.59
C GLY B 180 0.94 -9.94 -2.82
N GLU B 181 1.36 -10.74 -1.85
CA GLU B 181 2.63 -11.47 -1.87
C GLU B 181 2.91 -12.26 -3.15
N GLN B 182 1.86 -12.83 -3.74
CA GLN B 182 1.99 -13.63 -4.96
C GLN B 182 1.57 -12.86 -6.22
N GLY B 183 1.22 -11.58 -6.05
CA GLY B 183 0.80 -10.77 -7.19
C GLY B 183 -0.70 -10.75 -7.43
N GLN B 184 -1.46 -11.40 -6.54
CA GLN B 184 -2.90 -11.50 -6.69
C GLN B 184 -3.70 -10.19 -6.61
N LEU B 185 -3.05 -9.09 -6.25
CA LEU B 185 -3.74 -7.79 -6.19
C LEU B 185 -3.62 -7.07 -7.53
N GLY B 186 -2.64 -7.49 -8.33
CA GLY B 186 -2.43 -6.92 -9.65
C GLY B 186 -2.16 -5.42 -9.72
N ARG B 187 -1.63 -4.84 -8.66
CA ARG B 187 -1.36 -3.41 -8.65
C ARG B 187 -0.19 -3.05 -7.77
N VAL B 188 0.57 -4.06 -7.33
CA VAL B 188 1.72 -3.84 -6.47
C VAL B 188 2.96 -4.46 -7.09
N PRO B 189 4.04 -3.68 -7.23
CA PRO B 189 5.29 -4.20 -7.81
C PRO B 189 5.89 -5.28 -6.92
N GLU B 190 6.61 -6.22 -7.52
CA GLU B 190 7.23 -7.29 -6.77
C GLU B 190 8.08 -6.75 -5.62
N LEU B 191 8.63 -5.56 -5.82
CA LEU B 191 9.48 -4.94 -4.82
C LEU B 191 8.73 -4.59 -3.53
N PHE B 192 7.41 -4.45 -3.63
CA PHE B 192 6.59 -4.11 -2.47
C PHE B 192 5.67 -5.27 -2.08
N ALA B 193 5.91 -6.44 -2.64
CA ALA B 193 5.09 -7.62 -2.38
C ALA B 193 5.05 -8.04 -0.92
N ASN B 194 6.19 -7.94 -0.23
CA ASN B 194 6.26 -8.33 1.18
C ASN B 194 5.77 -7.22 2.10
N ARG B 195 4.48 -7.29 2.45
CA ARG B 195 3.85 -6.33 3.33
C ARG B 195 4.03 -4.87 2.90
N GLY B 196 4.04 -4.65 1.59
CA GLY B 196 4.19 -3.30 1.08
C GLY B 196 5.62 -2.79 1.02
N GLY B 197 6.57 -3.61 1.46
CA GLY B 197 7.96 -3.18 1.44
C GLY B 197 8.17 -2.07 2.46
N ARG B 198 9.10 -1.16 2.20
CA ARG B 198 9.39 -0.08 3.12
C ARG B 198 8.20 0.83 3.44
N GLN B 199 7.28 0.98 2.49
CA GLN B 199 6.11 1.83 2.68
C GLN B 199 5.02 1.24 3.57
N GLY B 200 5.14 -0.05 3.89
CA GLY B 200 4.16 -0.66 4.77
C GLY B 200 2.87 -1.23 4.22
N LEU B 201 2.06 -1.77 5.13
CA LEU B 201 0.78 -2.41 4.83
C LEU B 201 -0.34 -1.55 4.27
N GLU B 202 -0.31 -0.24 4.55
CA GLU B 202 -1.34 0.65 4.05
C GLU B 202 -1.69 0.42 2.59
N ARG B 203 -0.67 0.32 1.75
CA ARG B 203 -0.88 0.13 0.33
C ARG B 203 -1.65 -1.13 -0.03
N LEU B 204 -1.46 -2.18 0.76
CA LEU B 204 -2.14 -3.45 0.53
C LEU B 204 -3.58 -3.51 1.04
N LEU B 205 -3.83 -2.86 2.18
CA LEU B 205 -5.13 -2.88 2.81
C LEU B 205 -6.12 -1.82 2.37
N VAL B 206 -5.65 -0.81 1.67
CA VAL B 206 -6.53 0.24 1.18
C VAL B 206 -6.96 -0.16 -0.23
N PRO B 207 -8.27 -0.18 -0.49
CA PRO B 207 -8.76 -0.56 -1.82
C PRO B 207 -8.23 0.38 -2.91
N LYS B 208 -7.54 -0.19 -3.89
CA LYS B 208 -7.00 0.58 -5.00
C LYS B 208 -7.29 -0.13 -6.31
N CYS B 209 -7.41 0.66 -7.37
CA CYS B 209 -7.74 0.14 -8.69
C CYS B 209 -6.64 -0.61 -9.43
N VAL B 210 -7.05 -1.60 -10.22
CA VAL B 210 -6.11 -2.34 -11.05
C VAL B 210 -6.06 -1.52 -12.33
N MET B 211 -4.94 -0.84 -12.56
CA MET B 211 -4.79 0.03 -13.72
C MET B 211 -3.97 -0.56 -14.87
N LEU B 212 -4.63 -0.72 -16.02
CA LEU B 212 -3.98 -1.26 -17.21
C LEU B 212 -4.25 -0.34 -18.39
N LYS B 213 -3.21 -0.08 -19.18
CA LYS B 213 -3.32 0.79 -20.35
C LYS B 213 -4.17 0.14 -21.43
N HIS B 220 -8.17 3.26 -19.90
CA HIS B 220 -7.73 2.02 -19.25
C HIS B 220 -8.70 0.88 -19.52
N VAL B 221 -8.22 -0.35 -19.36
CA VAL B 221 -9.05 -1.52 -19.58
C VAL B 221 -10.13 -1.61 -18.51
N ARG B 222 -11.35 -1.94 -18.91
CA ARG B 222 -12.45 -2.08 -17.97
C ARG B 222 -12.89 -3.54 -17.97
N PHE B 223 -13.53 -3.98 -16.89
CA PHE B 223 -13.93 -5.38 -16.77
C PHE B 223 -15.41 -5.63 -16.55
N GLN B 224 -15.87 -6.80 -16.99
CA GLN B 224 -17.26 -7.17 -16.81
C GLN B 224 -17.46 -8.30 -15.79
N ASP B 225 -16.37 -8.93 -15.38
CA ASP B 225 -16.44 -9.99 -14.38
C ASP B 225 -15.05 -10.27 -13.83
N ALA B 226 -14.99 -10.88 -12.65
CA ALA B 226 -13.71 -11.20 -12.02
C ALA B 226 -13.92 -12.40 -11.11
N PHE B 227 -12.88 -13.20 -10.96
CA PHE B 227 -12.94 -14.42 -10.15
C PHE B 227 -11.65 -14.61 -9.40
N CYS B 228 -11.71 -15.36 -8.30
CA CYS B 228 -10.52 -15.60 -7.50
C CYS B 228 -10.23 -17.05 -7.22
N GLY B 229 -8.96 -17.41 -7.34
CA GLY B 229 -8.48 -18.74 -7.01
C GLY B 229 -7.87 -18.47 -5.64
N ALA B 230 -7.22 -19.47 -5.04
CA ALA B 230 -6.65 -19.26 -3.70
C ALA B 230 -5.65 -18.10 -3.62
N TYR B 231 -4.78 -17.99 -4.62
CA TYR B 231 -3.74 -16.97 -4.62
C TYR B 231 -3.57 -16.31 -5.99
N PHE B 232 -4.64 -16.28 -6.76
CA PHE B 232 -4.57 -15.66 -8.08
C PHE B 232 -5.94 -15.12 -8.44
N THR B 233 -5.97 -14.28 -9.48
CA THR B 233 -7.21 -13.64 -9.88
C THR B 233 -7.38 -13.63 -11.39
N PHE B 234 -8.60 -13.85 -11.86
CA PHE B 234 -8.91 -13.80 -13.29
C PHE B 234 -9.92 -12.68 -13.48
N ALA B 235 -9.80 -11.96 -14.58
CA ALA B 235 -10.73 -10.88 -14.87
C ALA B 235 -11.00 -10.86 -16.35
N ILE B 236 -12.28 -10.70 -16.71
CA ILE B 236 -12.68 -10.66 -18.11
C ILE B 236 -12.98 -9.22 -18.47
N SER B 237 -12.25 -8.68 -19.44
CA SER B 237 -12.44 -7.29 -19.85
C SER B 237 -13.73 -7.12 -20.63
N HIS B 238 -14.12 -5.86 -20.84
CA HIS B 238 -15.34 -5.58 -21.58
C HIS B 238 -15.27 -6.22 -22.96
N GLU B 239 -14.07 -6.28 -23.53
CA GLU B 239 -13.86 -6.87 -24.87
C GLU B 239 -13.92 -8.40 -24.87
N GLY B 240 -13.92 -8.99 -23.69
CA GLY B 240 -13.98 -10.45 -23.59
C GLY B 240 -12.63 -11.10 -23.37
N HIS B 241 -11.59 -10.28 -23.26
CA HIS B 241 -10.24 -10.79 -23.04
C HIS B 241 -10.05 -11.25 -21.59
N VAL B 242 -9.29 -12.33 -21.43
CA VAL B 242 -9.03 -12.88 -20.11
C VAL B 242 -7.71 -12.40 -19.53
N TYR B 243 -7.76 -11.71 -18.40
CA TYR B 243 -6.57 -11.23 -17.73
C TYR B 243 -6.35 -11.98 -16.43
N GLY B 244 -5.09 -12.18 -16.07
CA GLY B 244 -4.79 -12.89 -14.84
C GLY B 244 -3.58 -12.34 -14.15
N PHE B 245 -3.51 -12.56 -12.84
CA PHE B 245 -2.38 -12.15 -12.04
C PHE B 245 -2.38 -12.96 -10.76
N GLY B 246 -1.19 -13.13 -10.18
CA GLY B 246 -1.07 -13.91 -8.97
C GLY B 246 -0.16 -15.11 -9.16
N LEU B 247 -0.36 -16.12 -8.33
CA LEU B 247 0.45 -17.33 -8.34
C LEU B 247 0.25 -18.20 -9.57
N SER B 248 1.36 -18.70 -10.12
CA SER B 248 1.30 -19.57 -11.29
C SER B 248 2.46 -20.56 -11.26
N ASN B 249 2.87 -20.97 -10.06
CA ASN B 249 3.98 -21.91 -9.93
C ASN B 249 3.65 -23.30 -10.50
N TYR B 250 2.35 -23.59 -10.67
CA TYR B 250 1.92 -24.87 -11.26
C TYR B 250 1.10 -24.59 -12.51
N HIS B 251 1.36 -23.44 -13.13
CA HIS B 251 0.67 -23.03 -14.34
C HIS B 251 -0.82 -22.72 -14.16
N GLN B 252 -1.24 -22.36 -12.94
CA GLN B 252 -2.66 -22.06 -12.73
C GLN B 252 -3.18 -20.90 -13.58
N LEU B 253 -2.28 -20.06 -14.08
CA LEU B 253 -2.67 -18.93 -14.94
C LEU B 253 -2.23 -19.21 -16.37
N GLY B 254 -1.77 -20.43 -16.62
CA GLY B 254 -1.30 -20.78 -17.95
C GLY B 254 0.21 -20.68 -18.05
N THR B 255 0.71 -19.83 -18.94
CA THR B 255 2.15 -19.65 -19.11
C THR B 255 2.54 -18.17 -18.99
N PRO B 256 2.37 -17.59 -17.80
CA PRO B 256 2.70 -16.18 -17.52
C PRO B 256 4.19 -15.90 -17.66
N GLY B 257 5.00 -16.96 -17.63
CA GLY B 257 6.44 -16.81 -17.74
C GLY B 257 7.13 -16.58 -16.40
N THR B 258 6.35 -16.61 -15.33
CA THR B 258 6.87 -16.40 -13.98
C THR B 258 6.01 -17.10 -12.94
N GLU B 259 6.63 -17.51 -11.83
CA GLU B 259 5.92 -18.19 -10.75
C GLU B 259 4.98 -17.27 -9.98
N SER B 260 5.24 -15.97 -10.06
CA SER B 260 4.42 -14.98 -9.40
C SER B 260 4.21 -13.84 -10.40
N CYS B 261 2.98 -13.72 -10.88
CA CYS B 261 2.64 -12.70 -11.88
C CYS B 261 2.07 -11.44 -11.22
N PHE B 262 2.92 -10.46 -10.98
CA PHE B 262 2.50 -9.22 -10.34
C PHE B 262 1.80 -8.25 -11.27
N ILE B 263 2.22 -8.23 -12.52
CA ILE B 263 1.63 -7.35 -13.52
C ILE B 263 0.50 -8.08 -14.24
N PRO B 264 -0.72 -7.53 -14.22
CA PRO B 264 -1.83 -8.19 -14.89
C PRO B 264 -1.42 -8.50 -16.33
N GLN B 265 -1.79 -9.68 -16.81
CA GLN B 265 -1.41 -10.09 -18.15
C GLN B 265 -2.56 -10.68 -18.97
N ASN B 266 -2.62 -10.30 -20.24
CA ASN B 266 -3.66 -10.84 -21.13
C ASN B 266 -3.16 -12.26 -21.37
N LEU B 267 -3.75 -13.22 -20.67
CA LEU B 267 -3.34 -14.62 -20.77
C LEU B 267 -3.48 -15.21 -22.17
N THR B 268 -2.35 -15.51 -22.79
CA THR B 268 -2.36 -16.10 -24.13
C THR B 268 -3.02 -17.48 -24.12
N SER B 269 -2.88 -18.20 -23.02
CA SER B 269 -3.48 -19.53 -22.91
C SER B 269 -5.00 -19.46 -23.08
N PHE B 270 -5.57 -18.27 -22.98
CA PHE B 270 -7.01 -18.10 -23.10
C PHE B 270 -7.46 -17.21 -24.27
N LYS B 271 -6.71 -17.21 -25.37
CA LYS B 271 -7.11 -16.39 -26.51
C LYS B 271 -8.09 -17.17 -27.37
N ASN B 272 -9.36 -16.80 -27.24
CA ASN B 272 -10.44 -17.45 -27.98
C ASN B 272 -10.48 -17.14 -29.47
N SER B 273 -11.67 -16.72 -29.93
CA SER B 273 -11.97 -16.37 -31.32
C SER B 273 -13.46 -16.63 -31.49
N THR B 274 -13.84 -17.88 -31.21
CA THR B 274 -15.23 -18.30 -31.29
C THR B 274 -15.64 -18.66 -29.86
N LYS B 275 -14.64 -18.66 -28.98
CA LYS B 275 -14.84 -18.98 -27.58
C LYS B 275 -15.08 -17.78 -26.68
N SER B 276 -15.98 -17.96 -25.73
CA SER B 276 -16.28 -16.92 -24.76
C SER B 276 -16.20 -17.57 -23.40
N TRP B 277 -15.22 -17.16 -22.61
CA TRP B 277 -15.05 -17.70 -21.26
C TRP B 277 -16.05 -16.99 -20.36
N VAL B 278 -16.76 -17.76 -19.54
CA VAL B 278 -17.78 -17.18 -18.67
C VAL B 278 -17.58 -17.43 -17.19
N GLY B 279 -16.74 -18.39 -16.84
CA GLY B 279 -16.53 -18.67 -15.43
C GLY B 279 -15.15 -19.23 -15.12
N PHE B 280 -14.62 -18.84 -13.97
CA PHE B 280 -13.31 -19.30 -13.54
C PHE B 280 -13.37 -19.60 -12.04
N SER B 281 -12.63 -20.63 -11.63
CA SER B 281 -12.55 -21.01 -10.23
C SER B 281 -11.15 -21.56 -10.03
N GLY B 282 -10.69 -21.61 -8.79
CA GLY B 282 -9.37 -22.15 -8.58
C GLY B 282 -9.08 -22.54 -7.16
N GLY B 283 -8.26 -23.56 -7.00
CA GLY B 283 -7.86 -24.00 -5.68
C GLY B 283 -6.47 -23.42 -5.47
N GLN B 284 -5.61 -24.13 -4.75
CA GLN B 284 -4.27 -23.61 -4.52
C GLN B 284 -3.39 -23.73 -5.76
N HIS B 285 -3.46 -24.88 -6.41
CA HIS B 285 -2.60 -25.17 -7.55
C HIS B 285 -3.30 -25.58 -8.83
N HIS B 286 -4.62 -25.42 -8.90
CA HIS B 286 -5.34 -25.77 -10.12
C HIS B 286 -6.45 -24.78 -10.41
N THR B 287 -6.88 -24.77 -11.66
CA THR B 287 -7.93 -23.88 -12.13
C THR B 287 -8.95 -24.66 -12.94
N VAL B 288 -10.23 -24.34 -12.73
CA VAL B 288 -11.31 -24.97 -13.49
C VAL B 288 -12.12 -23.81 -14.05
N CYS B 289 -12.37 -23.84 -15.36
CA CYS B 289 -13.13 -22.78 -15.99
C CYS B 289 -14.15 -23.33 -16.96
N MET B 290 -15.04 -22.47 -17.45
CA MET B 290 -16.07 -22.90 -18.39
C MET B 290 -16.34 -21.82 -19.43
N ASP B 291 -16.81 -22.24 -20.61
CA ASP B 291 -17.12 -21.30 -21.67
C ASP B 291 -18.62 -21.11 -21.87
N SER B 292 -18.97 -20.27 -22.83
CA SER B 292 -20.36 -19.96 -23.12
C SER B 292 -21.16 -21.12 -23.68
N GLU B 293 -20.50 -22.22 -24.02
CA GLU B 293 -21.19 -23.38 -24.57
C GLU B 293 -21.42 -24.47 -23.54
N GLY B 294 -21.11 -24.18 -22.28
CA GLY B 294 -21.31 -25.16 -21.23
C GLY B 294 -20.22 -26.22 -21.10
N LYS B 295 -19.05 -25.97 -21.67
CA LYS B 295 -17.95 -26.92 -21.58
C LYS B 295 -17.04 -26.47 -20.44
N ALA B 296 -16.53 -27.46 -19.69
CA ALA B 296 -15.64 -27.17 -18.57
C ALA B 296 -14.21 -27.56 -18.92
N TYR B 297 -13.25 -26.79 -18.40
CA TYR B 297 -11.84 -27.04 -18.65
C TYR B 297 -11.03 -26.87 -17.38
N SER B 298 -9.87 -27.54 -17.34
CA SER B 298 -9.00 -27.43 -16.19
C SER B 298 -7.55 -27.29 -16.60
N LEU B 299 -6.75 -26.71 -15.71
CA LEU B 299 -5.33 -26.57 -15.95
C LEU B 299 -4.62 -26.48 -14.61
N GLY B 300 -3.31 -26.71 -14.62
CA GLY B 300 -2.54 -26.65 -13.40
C GLY B 300 -2.02 -28.01 -12.96
N ARG B 301 -1.77 -28.13 -11.67
CA ARG B 301 -1.24 -29.35 -11.04
C ARG B 301 -2.24 -30.51 -11.16
N ALA B 302 -1.72 -31.70 -11.46
CA ALA B 302 -2.58 -32.87 -11.64
C ALA B 302 -2.71 -33.85 -10.47
N GLU B 303 -1.82 -33.76 -9.49
CA GLU B 303 -1.87 -34.71 -8.38
C GLU B 303 -3.23 -34.89 -7.71
N TYR B 304 -3.48 -36.14 -7.32
CA TYR B 304 -4.72 -36.54 -6.66
C TYR B 304 -5.94 -36.38 -7.55
N GLY B 305 -5.71 -36.17 -8.84
CA GLY B 305 -6.79 -36.06 -9.80
C GLY B 305 -7.61 -34.79 -9.85
N ARG B 306 -7.06 -33.70 -9.33
CA ARG B 306 -7.79 -32.44 -9.29
C ARG B 306 -8.15 -31.83 -10.64
N LEU B 307 -7.57 -32.33 -11.73
CA LEU B 307 -7.89 -31.79 -13.04
C LEU B 307 -9.11 -32.46 -13.65
N GLY B 308 -9.47 -33.64 -13.12
CA GLY B 308 -10.64 -34.35 -13.61
C GLY B 308 -10.49 -34.85 -15.04
N LEU B 309 -9.25 -35.04 -15.49
CA LEU B 309 -8.98 -35.49 -16.85
C LEU B 309 -8.74 -36.99 -16.96
N GLY B 310 -9.01 -37.72 -15.87
CA GLY B 310 -8.81 -39.16 -15.89
C GLY B 310 -7.48 -39.54 -15.25
N GLU B 311 -7.28 -40.83 -15.02
CA GLU B 311 -6.05 -41.29 -14.40
C GLU B 311 -4.85 -41.10 -15.32
N GLY B 312 -3.68 -40.90 -14.71
CA GLY B 312 -2.47 -40.70 -15.49
C GLY B 312 -2.30 -39.27 -15.98
N ALA B 313 -3.29 -38.42 -15.70
CA ALA B 313 -3.21 -37.03 -16.12
C ALA B 313 -1.95 -36.35 -15.61
N GLU B 314 -1.43 -35.41 -16.39
CA GLU B 314 -0.22 -34.69 -16.01
C GLU B 314 -0.49 -33.18 -15.99
N GLU B 315 0.42 -32.43 -15.39
CA GLU B 315 0.28 -30.97 -15.28
C GLU B 315 -0.03 -30.32 -16.63
N LYS B 316 -1.02 -29.43 -16.64
CA LYS B 316 -1.43 -28.74 -17.86
C LYS B 316 -1.20 -27.23 -17.77
N SER B 317 -0.73 -26.63 -18.86
CA SER B 317 -0.46 -25.20 -18.89
C SER B 317 -1.47 -24.44 -19.76
N ILE B 318 -2.43 -25.18 -20.32
CA ILE B 318 -3.46 -24.58 -21.14
C ILE B 318 -4.78 -25.21 -20.72
N PRO B 319 -5.90 -24.46 -20.81
CA PRO B 319 -7.17 -25.06 -20.41
C PRO B 319 -7.45 -26.32 -21.22
N THR B 320 -7.64 -27.44 -20.52
CA THR B 320 -7.89 -28.74 -21.15
C THR B 320 -9.32 -29.19 -20.89
N LEU B 321 -10.02 -29.56 -21.97
CA LEU B 321 -11.40 -29.99 -21.88
C LEU B 321 -11.66 -31.20 -20.97
N ILE B 322 -12.65 -31.05 -20.09
CA ILE B 322 -13.07 -32.12 -19.19
C ILE B 322 -14.23 -32.77 -19.94
N SER B 323 -13.93 -33.82 -20.70
CA SER B 323 -14.92 -34.50 -21.53
C SER B 323 -16.00 -35.35 -20.86
N ARG B 324 -15.71 -35.93 -19.70
CA ARG B 324 -16.70 -36.77 -19.04
C ARG B 324 -17.79 -35.99 -18.31
N LEU B 325 -18.11 -34.79 -18.82
CA LEU B 325 -19.14 -33.96 -18.20
C LEU B 325 -20.23 -33.49 -19.14
N PRO B 326 -21.48 -33.49 -18.65
CA PRO B 326 -22.62 -33.05 -19.45
C PRO B 326 -22.48 -31.52 -19.52
N ALA B 327 -23.41 -30.85 -20.19
CA ALA B 327 -23.37 -29.40 -20.28
C ALA B 327 -23.30 -28.84 -18.86
N VAL B 328 -22.40 -27.89 -18.63
CA VAL B 328 -22.22 -27.30 -17.30
C VAL B 328 -22.76 -25.88 -17.18
N SER B 329 -23.32 -25.56 -16.01
CA SER B 329 -23.86 -24.23 -15.75
C SER B 329 -22.91 -23.43 -14.86
N SER B 330 -22.12 -24.13 -14.04
CA SER B 330 -21.16 -23.46 -13.18
C SER B 330 -20.09 -24.43 -12.70
N VAL B 331 -18.95 -23.88 -12.27
CA VAL B 331 -17.84 -24.68 -11.78
C VAL B 331 -17.33 -24.09 -10.47
N ALA B 332 -16.58 -24.90 -9.72
CA ALA B 332 -16.03 -24.46 -8.45
C ALA B 332 -14.84 -25.32 -8.05
N CYS B 333 -13.97 -24.76 -7.23
CA CYS B 333 -12.80 -25.49 -6.76
C CYS B 333 -12.65 -25.40 -5.26
N GLY B 334 -12.14 -26.48 -4.69
CA GLY B 334 -11.85 -26.55 -3.28
C GLY B 334 -10.33 -26.48 -3.31
N ALA B 335 -9.68 -26.62 -2.15
CA ALA B 335 -8.23 -26.55 -2.11
C ALA B 335 -7.57 -27.53 -3.08
N SER B 336 -8.08 -28.75 -3.15
CA SER B 336 -7.52 -29.78 -4.00
C SER B 336 -8.59 -30.61 -4.69
N VAL B 337 -9.77 -30.02 -4.87
CA VAL B 337 -10.89 -30.70 -5.51
C VAL B 337 -11.57 -29.80 -6.54
N GLY B 338 -12.35 -30.40 -7.42
CA GLY B 338 -13.06 -29.65 -8.43
C GLY B 338 -14.51 -30.08 -8.51
N TYR B 339 -15.38 -29.17 -8.94
CA TYR B 339 -16.81 -29.44 -9.07
C TYR B 339 -17.40 -28.78 -10.29
N ALA B 340 -18.52 -29.33 -10.74
CA ALA B 340 -19.24 -28.77 -11.88
C ALA B 340 -20.71 -29.06 -11.65
N VAL B 341 -21.54 -28.04 -11.83
CA VAL B 341 -22.98 -28.21 -11.69
C VAL B 341 -23.49 -28.21 -13.12
N THR B 342 -24.26 -29.23 -13.46
CA THR B 342 -24.78 -29.37 -14.82
C THR B 342 -26.04 -28.53 -15.06
N LYS B 343 -26.35 -28.35 -16.33
CA LYS B 343 -27.54 -27.59 -16.71
C LYS B 343 -28.77 -28.26 -16.11
N ASP B 344 -28.76 -29.59 -16.05
CA ASP B 344 -29.91 -30.34 -15.53
C ASP B 344 -30.01 -30.41 -14.01
N GLY B 345 -29.12 -29.72 -13.29
CA GLY B 345 -29.19 -29.71 -11.85
C GLY B 345 -28.44 -30.79 -11.08
N ARG B 346 -27.49 -31.46 -11.72
CA ARG B 346 -26.71 -32.49 -11.03
C ARG B 346 -25.36 -31.87 -10.69
N VAL B 347 -24.62 -32.49 -9.81
CA VAL B 347 -23.30 -31.99 -9.45
C VAL B 347 -22.27 -33.11 -9.50
N PHE B 348 -21.14 -32.82 -10.16
CA PHE B 348 -20.05 -33.78 -10.28
C PHE B 348 -18.85 -33.26 -9.50
N ALA B 349 -18.05 -34.18 -8.98
CA ALA B 349 -16.88 -33.84 -8.19
C ALA B 349 -15.68 -34.71 -8.57
N TRP B 350 -14.48 -34.19 -8.33
CA TRP B 350 -13.26 -34.93 -8.62
C TRP B 350 -12.11 -34.33 -7.79
N GLY B 351 -11.01 -35.07 -7.69
CA GLY B 351 -9.87 -34.59 -6.92
C GLY B 351 -9.58 -35.40 -5.68
N MET B 352 -8.80 -34.81 -4.76
CA MET B 352 -8.42 -35.47 -3.52
C MET B 352 -9.64 -35.87 -2.69
N GLY B 353 -9.72 -37.14 -2.30
CA GLY B 353 -10.87 -37.58 -1.54
C GLY B 353 -10.70 -37.65 -0.03
N THR B 354 -9.48 -37.37 0.42
CA THR B 354 -9.13 -37.43 1.83
C THR B 354 -10.06 -36.78 2.84
N ASN B 355 -10.61 -35.61 2.51
CA ASN B 355 -11.50 -34.89 3.42
C ASN B 355 -12.97 -35.22 3.26
N TYR B 356 -13.29 -36.20 2.41
CA TYR B 356 -14.68 -36.57 2.14
C TYR B 356 -15.47 -35.44 1.47
N GLN B 357 -14.80 -34.67 0.62
CA GLN B 357 -15.44 -33.57 -0.09
C GLN B 357 -16.09 -34.03 -1.39
N LEU B 358 -15.76 -35.25 -1.83
CA LEU B 358 -16.29 -35.79 -3.07
C LEU B 358 -17.74 -36.24 -3.01
N GLY B 359 -18.20 -36.62 -1.82
CA GLY B 359 -19.58 -37.07 -1.68
C GLY B 359 -19.81 -38.46 -2.23
N THR B 360 -18.74 -39.22 -2.40
CA THR B 360 -18.82 -40.58 -2.92
C THR B 360 -19.11 -41.54 -1.77
N GLY B 361 -18.78 -41.10 -0.56
CA GLY B 361 -18.97 -41.92 0.61
C GLY B 361 -17.62 -42.49 0.99
N GLN B 362 -16.67 -42.41 0.06
CA GLN B 362 -15.32 -42.90 0.27
C GLN B 362 -14.31 -41.75 0.25
N ASP B 363 -13.11 -42.01 0.74
CA ASP B 363 -12.07 -41.00 0.77
C ASP B 363 -11.00 -41.19 -0.30
N GLU B 364 -11.30 -42.06 -1.28
CA GLU B 364 -10.36 -42.31 -2.37
C GLU B 364 -10.42 -41.15 -3.36
N ASP B 365 -9.28 -40.82 -3.97
CA ASP B 365 -9.25 -39.73 -4.94
C ASP B 365 -10.03 -40.10 -6.20
N ALA B 366 -10.57 -39.10 -6.88
CA ALA B 366 -11.32 -39.32 -8.11
C ALA B 366 -10.61 -38.57 -9.23
N TRP B 367 -9.99 -39.31 -10.14
CA TRP B 367 -9.28 -38.67 -11.25
C TRP B 367 -10.22 -38.26 -12.37
N SER B 368 -11.46 -38.74 -12.31
CA SER B 368 -12.46 -38.40 -13.29
C SER B 368 -13.70 -37.92 -12.52
N PRO B 369 -14.51 -37.05 -13.13
CA PRO B 369 -15.71 -36.54 -12.47
C PRO B 369 -16.67 -37.66 -12.05
N VAL B 370 -17.22 -37.55 -10.85
CA VAL B 370 -18.16 -38.53 -10.33
C VAL B 370 -19.40 -37.79 -9.84
N GLU B 371 -20.57 -38.29 -10.22
CA GLU B 371 -21.82 -37.65 -9.83
C GLU B 371 -22.07 -37.86 -8.34
N MET B 372 -22.38 -36.78 -7.63
CA MET B 372 -22.66 -36.89 -6.20
C MET B 372 -24.06 -37.44 -5.99
N MET B 373 -24.18 -38.42 -5.12
CA MET B 373 -25.48 -39.02 -4.83
C MET B 373 -25.67 -39.14 -3.32
N GLY B 374 -26.92 -39.10 -2.89
CA GLY B 374 -27.20 -39.20 -1.46
C GLY B 374 -28.65 -38.87 -1.16
N LYS B 375 -29.10 -39.30 0.01
CA LYS B 375 -30.48 -39.07 0.45
C LYS B 375 -30.92 -37.61 0.35
N GLN B 376 -30.05 -36.69 0.73
CA GLN B 376 -30.41 -35.27 0.69
C GLN B 376 -30.40 -34.67 -0.71
N LEU B 377 -29.99 -35.45 -1.70
CA LEU B 377 -29.97 -34.98 -3.08
C LEU B 377 -31.13 -35.55 -3.90
N GLU B 378 -31.85 -36.51 -3.32
CA GLU B 378 -32.99 -37.13 -4.01
C GLU B 378 -34.14 -36.16 -4.19
N ASN B 379 -34.71 -36.12 -5.38
CA ASN B 379 -35.81 -35.22 -5.70
C ASN B 379 -35.46 -33.75 -5.51
N ARG B 380 -34.18 -33.43 -5.68
CA ARG B 380 -33.70 -32.07 -5.55
C ARG B 380 -32.72 -31.77 -6.67
N VAL B 381 -32.60 -30.50 -7.03
CA VAL B 381 -31.67 -30.10 -8.07
C VAL B 381 -30.62 -29.21 -7.42
N VAL B 382 -29.39 -29.30 -7.88
CA VAL B 382 -28.33 -28.49 -7.30
C VAL B 382 -28.28 -27.13 -7.99
N LEU B 383 -28.30 -26.08 -7.18
CA LEU B 383 -28.25 -24.72 -7.69
C LEU B 383 -26.83 -24.20 -7.74
N SER B 384 -26.02 -24.59 -6.76
CA SER B 384 -24.63 -24.15 -6.74
C SER B 384 -23.79 -24.99 -5.81
N VAL B 385 -22.47 -24.86 -5.95
CA VAL B 385 -21.52 -25.58 -5.14
C VAL B 385 -20.36 -24.65 -4.82
N SER B 386 -19.85 -24.75 -3.61
CA SER B 386 -18.72 -23.93 -3.17
C SER B 386 -17.93 -24.84 -2.25
N SER B 387 -16.61 -24.74 -2.29
CA SER B 387 -15.80 -25.62 -1.47
C SER B 387 -14.66 -24.88 -0.79
N GLY B 388 -14.26 -25.40 0.36
CA GLY B 388 -13.18 -24.80 1.11
C GLY B 388 -11.99 -25.72 1.20
N GLY B 389 -11.28 -25.65 2.31
CA GLY B 389 -10.11 -26.50 2.47
C GLY B 389 -10.43 -27.94 2.75
N GLN B 390 -11.42 -28.17 3.61
CA GLN B 390 -11.79 -29.52 4.01
C GLN B 390 -13.29 -29.84 3.95
N HIS B 391 -14.10 -28.85 3.56
CA HIS B 391 -15.53 -29.08 3.46
C HIS B 391 -16.07 -28.50 2.15
N THR B 392 -17.32 -28.81 1.87
CA THR B 392 -17.99 -28.35 0.66
C THR B 392 -19.42 -28.00 1.03
N VAL B 393 -19.97 -27.00 0.36
CA VAL B 393 -21.32 -26.54 0.63
C VAL B 393 -22.13 -26.49 -0.66
N LEU B 394 -23.34 -27.06 -0.60
CA LEU B 394 -24.23 -27.09 -1.76
C LEU B 394 -25.53 -26.34 -1.47
N LEU B 395 -26.07 -25.69 -2.50
CA LEU B 395 -27.37 -25.02 -2.38
C LEU B 395 -28.26 -25.84 -3.30
N VAL B 396 -29.34 -26.41 -2.75
CA VAL B 396 -30.24 -27.24 -3.55
C VAL B 396 -31.69 -26.78 -3.45
N LYS B 397 -32.52 -27.29 -4.35
CA LYS B 397 -33.94 -26.97 -4.40
C LYS B 397 -34.71 -28.26 -4.69
N ASP B 398 -35.98 -28.30 -4.30
CA ASP B 398 -36.80 -29.49 -4.55
C ASP B 398 -37.21 -29.59 -6.01
N GLN C 8 15.40 -5.37 30.61
CA GLN C 8 15.64 -4.84 29.26
C GLN C 8 15.11 -3.42 29.11
N VAL C 9 15.99 -2.52 28.69
CA VAL C 9 15.62 -1.12 28.46
C VAL C 9 15.40 -0.97 26.96
N GLN C 10 14.16 -0.66 26.58
CA GLN C 10 13.82 -0.48 25.17
C GLN C 10 13.19 0.89 24.95
N PHE C 11 13.41 1.42 23.75
CA PHE C 11 12.87 2.72 23.37
C PHE C 11 12.44 2.71 21.92
N LYS C 12 11.22 3.18 21.66
CA LYS C 12 10.71 3.23 20.31
C LYS C 12 11.26 4.52 19.68
N LEU C 13 11.84 4.40 18.50
CA LEU C 13 12.42 5.54 17.81
C LEU C 13 11.91 5.66 16.39
N VAL C 14 11.35 6.83 16.06
CA VAL C 14 10.85 7.06 14.71
C VAL C 14 11.90 7.86 13.92
N LEU C 15 12.20 7.37 12.72
CA LEU C 15 13.17 8.02 11.84
C LEU C 15 12.43 8.62 10.64
N VAL C 16 12.64 9.90 10.38
CA VAL C 16 11.98 10.54 9.25
C VAL C 16 13.00 11.33 8.44
N GLY C 17 12.69 11.54 7.18
CA GLY C 17 13.56 12.28 6.29
C GLY C 17 13.16 12.03 4.86
N ASP C 18 13.64 12.88 3.95
CA ASP C 18 13.33 12.73 2.53
C ASP C 18 13.95 11.44 2.00
N GLY C 19 13.42 10.96 0.87
CA GLY C 19 13.98 9.76 0.27
C GLY C 19 15.34 10.10 -0.31
N GLY C 20 16.25 9.13 -0.28
CA GLY C 20 17.58 9.35 -0.82
C GLY C 20 18.51 10.08 0.13
N THR C 21 18.16 10.14 1.41
CA THR C 21 19.01 10.82 2.38
C THR C 21 19.89 9.86 3.17
N GLY C 22 19.90 8.59 2.76
CA GLY C 22 20.71 7.59 3.42
C GLY C 22 20.11 6.93 4.65
N LYS C 23 18.80 7.01 4.81
CA LYS C 23 18.13 6.40 5.96
C LYS C 23 18.28 4.88 6.02
N THR C 24 18.06 4.22 4.90
CA THR C 24 18.17 2.76 4.84
C THR C 24 19.54 2.30 5.27
N THR C 25 20.58 2.85 4.65
CA THR C 25 21.96 2.49 4.98
C THR C 25 22.28 2.81 6.44
N PHE C 26 21.77 3.94 6.92
CA PHE C 26 21.98 4.36 8.29
C PHE C 26 21.50 3.28 9.26
N VAL C 27 20.31 2.75 8.99
CA VAL C 27 19.73 1.72 9.81
C VAL C 27 20.41 0.35 9.63
N LYS C 28 20.60 -0.06 8.38
CA LYS C 28 21.24 -1.35 8.12
C LYS C 28 22.64 -1.47 8.69
N ARG C 29 23.29 -0.34 8.95
CA ARG C 29 24.62 -0.36 9.51
C ARG C 29 24.60 -0.66 11.01
N HIS C 30 23.44 -0.51 11.63
CA HIS C 30 23.31 -0.78 13.06
C HIS C 30 22.49 -2.04 13.35
N LEU C 31 22.41 -2.94 12.38
CA LEU C 31 21.65 -4.18 12.56
C LEU C 31 22.58 -5.38 12.77
N LYS C 38 10.40 -5.58 13.88
CA LYS C 38 9.47 -6.56 13.33
C LYS C 38 8.04 -6.05 13.26
N TYR C 39 7.80 -5.12 12.35
CA TYR C 39 6.48 -4.54 12.14
C TYR C 39 5.77 -3.95 13.36
N VAL C 40 5.34 -2.71 13.19
CA VAL C 40 4.60 -1.99 14.22
C VAL C 40 3.15 -2.23 13.90
N ALA C 41 2.32 -2.27 14.93
CA ALA C 41 0.92 -2.49 14.70
C ALA C 41 0.23 -1.28 14.11
N THR C 42 0.98 -0.19 14.02
CA THR C 42 0.48 1.09 13.51
C THR C 42 0.88 1.36 12.07
N LEU C 43 2.01 0.83 11.65
CA LEU C 43 2.43 1.08 10.28
C LEU C 43 2.59 -0.25 9.57
N GLY C 44 2.61 -1.33 10.34
CA GLY C 44 2.79 -2.61 9.70
C GLY C 44 4.13 -2.55 9.00
N VAL C 45 4.85 -1.43 9.13
CA VAL C 45 6.17 -1.35 8.54
C VAL C 45 7.02 -1.95 9.65
N GLU C 46 8.06 -2.64 9.26
CA GLU C 46 9.00 -3.32 10.14
C GLU C 46 9.82 -2.45 11.06
N VAL C 47 10.04 -2.98 12.26
CA VAL C 47 10.81 -2.36 13.31
C VAL C 47 12.19 -2.93 13.12
N HIS C 48 13.21 -2.12 13.35
CA HIS C 48 14.57 -2.56 13.20
C HIS C 48 15.20 -2.41 14.58
N PRO C 49 15.22 -3.50 15.36
CA PRO C 49 15.81 -3.44 16.70
C PRO C 49 17.31 -3.16 16.63
N LEU C 50 17.71 -2.01 17.16
CA LEU C 50 19.13 -1.64 17.18
C LEU C 50 19.59 -1.71 18.63
N VAL C 51 20.38 -2.72 18.94
CA VAL C 51 20.87 -2.88 20.31
C VAL C 51 22.26 -2.32 20.52
N PHE C 52 22.39 -1.46 21.53
CA PHE C 52 23.66 -0.86 21.88
C PHE C 52 24.05 -1.30 23.28
N HIS C 53 25.28 -1.81 23.41
CA HIS C 53 25.76 -2.22 24.72
C HIS C 53 26.46 -1.01 25.31
N THR C 54 26.16 -0.70 26.56
CA THR C 54 26.75 0.45 27.22
C THR C 54 27.30 0.13 28.59
N ASN C 55 27.84 1.16 29.25
CA ASN C 55 28.40 1.02 30.59
C ASN C 55 27.28 1.07 31.63
N ARG C 56 26.04 0.97 31.16
CA ARG C 56 24.88 0.99 32.03
C ARG C 56 23.96 -0.13 31.59
N GLY C 57 24.50 -1.06 30.83
CA GLY C 57 23.71 -2.18 30.35
C GLY C 57 23.24 -1.96 28.93
N PRO C 58 22.68 -3.00 28.29
CA PRO C 58 22.20 -2.88 26.91
C PRO C 58 20.97 -1.99 26.78
N ILE C 59 20.93 -1.23 25.70
CA ILE C 59 19.79 -0.36 25.42
C ILE C 59 19.34 -0.66 24.01
N LYS C 60 18.07 -1.00 23.86
CA LYS C 60 17.54 -1.31 22.53
C LYS C 60 16.66 -0.21 21.97
N PHE C 61 16.92 0.13 20.71
CA PHE C 61 16.13 1.13 20.00
C PHE C 61 15.32 0.40 18.95
N ASN C 62 14.00 0.42 19.11
CA ASN C 62 13.10 -0.21 18.15
C ASN C 62 12.79 0.88 17.14
N VAL C 63 13.52 0.86 16.04
CA VAL C 63 13.41 1.89 15.01
C VAL C 63 12.56 1.56 13.81
N TRP C 64 11.77 2.55 13.38
CA TRP C 64 10.96 2.41 12.19
C TRP C 64 11.10 3.70 11.40
N ASP C 65 11.21 3.53 10.08
CA ASP C 65 11.35 4.61 9.12
C ASP C 65 9.98 4.78 8.48
N THR C 66 9.42 5.99 8.57
CA THR C 66 8.10 6.25 8.00
C THR C 66 8.12 6.17 6.48
N ALA C 67 9.31 6.19 5.90
CA ALA C 67 9.50 6.07 4.46
C ALA C 67 8.63 7.02 3.63
N GLY C 68 8.37 8.21 4.16
CA GLY C 68 7.58 9.18 3.42
C GLY C 68 6.08 9.06 3.60
N GLN C 69 5.62 8.00 4.27
CA GLN C 69 4.19 7.81 4.48
C GLN C 69 3.57 8.91 5.34
N GLU C 70 4.39 9.63 6.09
CA GLU C 70 3.88 10.71 6.92
C GLU C 70 3.41 11.83 5.98
N LYS C 71 4.00 11.88 4.79
CA LYS C 71 3.62 12.88 3.79
C LYS C 71 2.53 12.38 2.84
N PHE C 72 2.62 11.12 2.45
CA PHE C 72 1.70 10.58 1.46
C PHE C 72 0.64 9.58 1.91
N GLY C 73 0.77 9.05 3.12
CA GLY C 73 -0.17 8.06 3.60
C GLY C 73 -1.41 8.58 4.30
N GLY C 74 -2.21 7.66 4.84
CA GLY C 74 -3.44 8.06 5.51
C GLY C 74 -3.60 7.68 6.97
N LEU C 75 -2.51 7.28 7.63
CA LEU C 75 -2.59 6.90 9.03
C LEU C 75 -2.48 8.08 10.00
N ARG C 76 -2.38 9.29 9.47
CA ARG C 76 -2.33 10.49 10.29
C ARG C 76 -1.27 10.46 11.40
N ASP C 77 -1.68 10.67 12.65
CA ASP C 77 -0.73 10.67 13.77
C ASP C 77 -0.14 9.30 14.05
N GLY C 78 -0.71 8.27 13.43
CA GLY C 78 -0.23 6.91 13.64
C GLY C 78 1.25 6.71 13.42
N TYR C 79 1.84 7.43 12.48
CA TYR C 79 3.26 7.28 12.19
C TYR C 79 4.17 7.70 13.34
N TYR C 80 3.67 8.58 14.20
CA TYR C 80 4.44 9.10 15.32
C TYR C 80 4.01 8.68 16.72
N ILE C 81 2.70 8.53 16.91
CA ILE C 81 2.15 8.21 18.22
C ILE C 81 2.94 7.22 19.11
N GLN C 82 3.45 6.14 18.54
CA GLN C 82 4.21 5.13 19.32
C GLN C 82 5.60 5.54 19.82
N ALA C 83 6.16 6.60 19.23
CA ALA C 83 7.50 7.10 19.52
C ALA C 83 7.85 7.76 20.86
N GLN C 84 9.05 7.43 21.34
CA GLN C 84 9.62 7.94 22.60
C GLN C 84 10.82 8.86 22.31
N CYS C 85 11.28 8.84 21.08
CA CYS C 85 12.39 9.68 20.64
C CYS C 85 12.39 9.69 19.12
N ALA C 86 13.18 10.55 18.51
CA ALA C 86 13.19 10.62 17.07
C ALA C 86 14.48 11.15 16.47
N ILE C 87 14.69 10.78 15.22
CA ILE C 87 15.84 11.22 14.45
C ILE C 87 15.30 11.77 13.13
N ILE C 88 15.66 13.01 12.80
CA ILE C 88 15.23 13.63 11.55
C ILE C 88 16.52 13.64 10.74
N MET C 89 16.46 13.11 9.53
CA MET C 89 17.66 13.07 8.70
C MET C 89 17.50 13.81 7.37
N PHE C 90 18.57 14.41 6.91
CA PHE C 90 18.54 15.11 5.62
C PHE C 90 19.93 14.98 4.99
N ASP C 91 20.03 15.38 3.73
CA ASP C 91 21.28 15.27 2.98
C ASP C 91 21.99 16.61 2.89
N VAL C 92 23.13 16.74 3.56
CA VAL C 92 23.88 17.99 3.54
C VAL C 92 24.42 18.31 2.15
N THR C 93 24.50 17.31 1.28
CA THR C 93 25.00 17.52 -0.08
C THR C 93 23.87 17.90 -1.04
N SER C 94 22.62 17.83 -0.56
CA SER C 94 21.45 18.23 -1.35
C SER C 94 20.47 18.81 -0.34
N ARG C 95 20.72 20.07 0.01
CA ARG C 95 19.95 20.75 1.03
C ARG C 95 18.47 20.98 0.82
N VAL C 96 17.95 20.70 -0.36
CA VAL C 96 16.51 20.84 -0.55
C VAL C 96 15.84 19.83 0.40
N THR C 97 16.60 18.84 0.86
CA THR C 97 16.05 17.82 1.75
C THR C 97 15.81 18.34 3.18
N TYR C 98 16.25 19.57 3.45
CA TYR C 98 16.06 20.21 4.74
C TYR C 98 14.69 20.92 4.78
N LYS C 99 14.08 21.06 3.60
CA LYS C 99 12.80 21.77 3.47
C LYS C 99 11.74 21.43 4.52
N ASN C 100 11.45 20.14 4.65
CA ASN C 100 10.40 19.71 5.57
C ASN C 100 10.77 19.59 7.04
N VAL C 101 12.03 19.85 7.39
CA VAL C 101 12.45 19.72 8.79
C VAL C 101 11.55 20.45 9.78
N PRO C 102 11.20 21.71 9.50
CA PRO C 102 10.32 22.42 10.44
C PRO C 102 8.98 21.70 10.62
N ASN C 103 8.44 21.17 9.52
CA ASN C 103 7.17 20.45 9.57
C ASN C 103 7.29 19.18 10.41
N TRP C 104 8.33 18.39 10.16
CA TRP C 104 8.52 17.16 10.93
C TRP C 104 8.68 17.51 12.41
N HIS C 105 9.44 18.56 12.70
CA HIS C 105 9.67 18.97 14.07
C HIS C 105 8.35 19.35 14.76
N ARG C 106 7.51 20.12 14.08
CA ARG C 106 6.23 20.54 14.65
C ARG C 106 5.31 19.34 14.90
N ASP C 107 5.27 18.40 13.94
CA ASP C 107 4.41 17.24 14.11
C ASP C 107 4.86 16.35 15.27
N LEU C 108 6.17 16.17 15.41
CA LEU C 108 6.70 15.35 16.48
C LEU C 108 6.38 15.92 17.85
N VAL C 109 6.51 17.24 18.00
CA VAL C 109 6.22 17.89 19.27
C VAL C 109 4.72 17.87 19.54
N ARG C 110 3.92 18.02 18.49
CA ARG C 110 2.46 18.00 18.62
C ARG C 110 1.90 16.63 19.01
N VAL C 111 2.41 15.58 18.38
CA VAL C 111 1.92 14.23 18.66
C VAL C 111 2.57 13.53 19.85
N CYS C 112 3.88 13.64 19.98
CA CYS C 112 4.59 12.98 21.08
C CYS C 112 4.93 13.89 22.25
N GLU C 113 5.06 15.18 21.97
CA GLU C 113 5.38 16.18 22.97
C GLU C 113 6.85 16.25 23.41
N ASN C 114 7.07 15.96 24.69
CA ASN C 114 8.40 16.01 25.31
C ASN C 114 9.48 15.03 24.88
N ILE C 115 9.35 14.41 23.72
CA ILE C 115 10.38 13.45 23.31
C ILE C 115 11.66 14.09 22.78
N PRO C 116 12.81 13.43 23.02
CA PRO C 116 14.08 13.97 22.54
C PRO C 116 14.19 13.75 21.03
N ILE C 117 14.63 14.78 20.31
CA ILE C 117 14.77 14.70 18.86
C ILE C 117 16.14 15.18 18.43
N VAL C 118 16.78 14.43 17.54
CA VAL C 118 18.10 14.79 17.04
C VAL C 118 18.06 14.93 15.52
N LEU C 119 18.70 15.99 15.03
CA LEU C 119 18.77 16.26 13.61
C LEU C 119 20.13 15.77 13.09
N CYS C 120 20.11 14.95 12.03
CA CYS C 120 21.34 14.43 11.46
C CYS C 120 21.57 14.85 10.02
N GLY C 121 22.68 15.53 9.77
CA GLY C 121 23.03 15.96 8.43
C GLY C 121 23.95 14.91 7.84
N ASN C 122 23.41 14.11 6.94
CA ASN C 122 24.15 13.01 6.32
C ASN C 122 24.87 13.42 5.04
N LYS C 123 26.12 12.98 4.88
CA LYS C 123 26.86 13.27 3.66
C LYS C 123 26.52 12.11 2.74
N VAL C 124 25.31 12.17 2.19
CA VAL C 124 24.70 11.17 1.32
C VAL C 124 25.51 10.61 0.14
N ASP C 125 24.94 9.54 -0.44
CA ASP C 125 25.47 8.80 -1.58
C ASP C 125 26.23 9.66 -2.59
N ILE C 126 27.37 10.18 -2.16
CA ILE C 126 28.22 11.03 -2.97
C ILE C 126 29.13 11.72 -1.95
N LYS C 127 30.16 11.01 -1.51
CA LYS C 127 31.10 11.55 -0.54
C LYS C 127 31.83 12.76 -1.12
N ASP C 128 31.06 13.67 -1.71
CA ASP C 128 31.59 14.89 -2.29
C ASP C 128 31.24 16.08 -1.41
N ARG C 129 31.96 16.19 -0.30
CA ARG C 129 31.74 17.27 0.65
C ARG C 129 33.02 17.53 1.42
N LYS C 130 33.73 18.58 1.03
CA LYS C 130 34.98 18.96 1.66
C LYS C 130 34.90 20.43 2.07
N VAL C 131 33.80 21.07 1.68
CA VAL C 131 33.60 22.47 2.00
C VAL C 131 32.85 22.62 3.32
N LYS C 132 32.11 21.58 3.70
CA LYS C 132 31.33 21.53 4.94
C LYS C 132 30.57 22.81 5.34
N ALA C 133 30.68 23.85 4.52
CA ALA C 133 29.99 25.10 4.79
C ALA C 133 28.54 24.89 4.44
N LYS C 134 28.26 23.79 3.75
CA LYS C 134 26.91 23.44 3.34
C LYS C 134 26.19 22.87 4.57
N SER C 135 26.92 22.73 5.66
CA SER C 135 26.35 22.20 6.90
C SER C 135 26.73 23.07 8.09
N ILE C 136 27.47 24.14 7.82
CA ILE C 136 27.91 25.06 8.86
C ILE C 136 26.73 25.81 9.47
N VAL C 137 25.72 26.09 8.66
CA VAL C 137 24.55 26.83 9.14
C VAL C 137 23.56 25.99 9.94
N PHE C 138 23.82 24.68 10.05
CA PHE C 138 22.92 23.81 10.78
C PHE C 138 23.37 23.64 12.23
N HIS C 139 24.65 23.87 12.50
CA HIS C 139 25.17 23.78 13.85
C HIS C 139 24.71 25.05 14.56
N ARG C 140 24.90 26.17 13.89
CA ARG C 140 24.52 27.48 14.40
C ARG C 140 23.15 27.41 15.07
N LYS C 141 22.10 27.35 14.25
CA LYS C 141 20.71 27.27 14.70
C LYS C 141 20.47 27.51 16.19
N LYS C 142 19.61 26.69 16.79
CA LYS C 142 19.27 26.79 18.20
C LYS C 142 18.53 25.55 18.72
N ASN C 143 17.27 25.43 18.31
CA ASN C 143 16.40 24.32 18.71
C ASN C 143 16.95 22.89 18.79
N LEU C 144 16.93 22.18 17.67
CA LEU C 144 17.36 20.78 17.61
C LEU C 144 18.86 20.47 17.71
N GLN C 145 19.17 19.37 18.40
CA GLN C 145 20.54 18.89 18.53
C GLN C 145 20.94 18.43 17.14
N TYR C 146 22.13 18.83 16.69
CA TYR C 146 22.60 18.47 15.35
C TYR C 146 23.94 17.74 15.31
N TYR C 147 24.04 16.77 14.41
CA TYR C 147 25.26 16.00 14.20
C TYR C 147 25.47 15.76 12.73
N ASP C 148 26.73 15.86 12.29
CA ASP C 148 27.05 15.56 10.90
C ASP C 148 27.35 14.07 10.92
N ILE C 149 26.99 13.35 9.87
CA ILE C 149 27.26 11.93 9.81
C ILE C 149 27.57 11.56 8.37
N SER C 150 28.08 10.35 8.15
CA SER C 150 28.41 9.87 6.82
C SER C 150 28.50 8.35 6.82
N ALA C 151 28.02 7.73 5.75
CA ALA C 151 28.05 6.29 5.62
C ALA C 151 29.49 5.84 5.38
N LYS C 152 30.37 6.82 5.21
CA LYS C 152 31.79 6.54 4.99
C LYS C 152 32.48 6.38 6.34
N SER C 153 32.80 5.14 6.69
CA SER C 153 33.46 4.83 7.95
C SER C 153 32.53 5.06 9.14
N ASN C 154 31.22 4.95 8.89
CA ASN C 154 30.22 5.14 9.94
C ASN C 154 30.54 6.35 10.81
N TYR C 155 30.88 7.47 10.17
CA TYR C 155 31.21 8.70 10.89
C TYR C 155 30.05 9.18 11.75
N ASN C 156 30.29 9.27 13.06
CA ASN C 156 29.30 9.73 14.03
C ASN C 156 27.97 8.97 14.01
N PHE C 157 27.97 7.78 13.42
CA PHE C 157 26.73 7.01 13.34
C PHE C 157 26.13 6.70 14.71
N GLU C 158 26.96 6.71 15.74
CA GLU C 158 26.48 6.42 17.09
C GLU C 158 26.15 7.67 17.91
N LYS C 159 26.65 8.82 17.46
CA LYS C 159 26.40 10.08 18.15
C LYS C 159 24.92 10.35 18.43
N PRO C 160 24.06 10.22 17.40
CA PRO C 160 22.62 10.47 17.58
C PRO C 160 22.01 9.59 18.67
N PHE C 161 22.30 8.30 18.59
CA PHE C 161 21.78 7.34 19.56
C PHE C 161 22.34 7.59 20.96
N LEU C 162 23.61 7.96 21.02
CA LEU C 162 24.25 8.23 22.31
C LEU C 162 23.57 9.42 22.97
N TRP C 163 23.34 10.48 22.20
CA TRP C 163 22.70 11.69 22.72
C TRP C 163 21.29 11.37 23.22
N LEU C 164 20.54 10.63 22.41
CA LEU C 164 19.17 10.24 22.77
C LEU C 164 19.15 9.38 24.02
N ALA C 165 20.01 8.37 24.06
CA ALA C 165 20.08 7.48 25.22
C ALA C 165 20.33 8.26 26.50
N ARG C 166 21.30 9.18 26.46
CA ARG C 166 21.61 10.00 27.62
C ARG C 166 20.38 10.77 28.09
N LYS C 167 19.58 11.26 27.15
CA LYS C 167 18.38 12.00 27.50
C LYS C 167 17.27 11.10 28.01
N LEU C 168 17.13 9.92 27.40
CA LEU C 168 16.08 8.99 27.79
C LEU C 168 16.26 8.36 29.17
N ILE C 169 17.49 8.04 29.55
CA ILE C 169 17.72 7.45 30.87
C ILE C 169 18.18 8.50 31.88
N GLY C 170 18.45 9.71 31.41
CA GLY C 170 18.88 10.78 32.28
C GLY C 170 20.25 10.59 32.90
N ASP C 171 21.17 9.99 32.16
CA ASP C 171 22.52 9.76 32.66
C ASP C 171 23.57 10.34 31.70
N PRO C 172 24.09 11.53 32.02
CA PRO C 172 25.10 12.22 31.22
C PRO C 172 26.40 11.43 31.04
N ASN C 173 26.69 10.53 31.97
CA ASN C 173 27.91 9.74 31.91
C ASN C 173 27.78 8.42 31.17
N LEU C 174 26.65 8.22 30.49
CA LEU C 174 26.42 7.01 29.73
C LEU C 174 27.44 6.94 28.59
N GLU C 175 27.93 5.74 28.31
CA GLU C 175 28.90 5.53 27.24
C GLU C 175 28.62 4.21 26.51
N PHE C 176 28.86 4.20 25.20
CA PHE C 176 28.65 3.00 24.41
C PHE C 176 29.93 2.16 24.44
N VAL C 177 29.81 0.86 24.19
CA VAL C 177 30.96 -0.02 24.18
C VAL C 177 30.84 -1.07 23.07
N LYS D 5 4.42 35.85 -29.25
CA LYS D 5 3.54 35.03 -30.08
C LYS D 5 2.52 34.27 -29.24
N VAL D 6 2.97 33.58 -28.20
CA VAL D 6 2.05 32.84 -27.34
C VAL D 6 1.53 33.78 -26.26
N SER D 7 0.30 33.54 -25.82
CA SER D 7 -0.31 34.37 -24.79
C SER D 7 -1.26 33.56 -23.91
N HIS D 8 -1.40 34.00 -22.67
CA HIS D 8 -2.28 33.36 -21.71
C HIS D 8 -2.54 34.36 -20.59
N ARG D 9 -3.74 34.35 -20.02
CA ARG D 9 -4.09 35.28 -18.97
C ARG D 9 -3.18 35.18 -17.74
N SER D 10 -2.45 34.08 -17.61
CA SER D 10 -1.56 33.90 -16.47
C SER D 10 -0.23 34.64 -16.59
N HIS D 11 0.11 35.08 -17.79
CA HIS D 11 1.36 35.80 -18.00
C HIS D 11 1.31 37.15 -17.27
N SER D 12 2.36 37.46 -16.53
CA SER D 12 2.43 38.71 -15.77
C SER D 12 3.21 39.74 -16.57
N THR D 13 2.75 40.98 -16.55
CA THR D 13 3.43 42.04 -17.30
C THR D 13 3.59 43.35 -16.53
N GLU D 14 3.10 43.41 -15.30
CA GLU D 14 3.21 44.63 -14.51
C GLU D 14 4.50 44.69 -13.69
N PRO D 15 5.39 45.63 -14.04
CA PRO D 15 6.66 45.78 -13.32
C PRO D 15 6.51 46.11 -11.84
N GLY D 16 7.32 45.47 -11.01
CA GLY D 16 7.26 45.70 -9.59
C GLY D 16 8.56 45.38 -8.88
N LEU D 17 8.55 45.53 -7.56
CA LEU D 17 9.72 45.26 -6.73
C LEU D 17 9.52 43.91 -6.04
N VAL D 18 10.63 43.21 -5.81
CA VAL D 18 10.57 41.91 -5.15
C VAL D 18 10.92 42.02 -3.67
N LEU D 19 10.06 41.45 -2.82
CA LEU D 19 10.29 41.45 -1.39
C LEU D 19 10.31 39.98 -0.96
N THR D 20 11.14 39.64 0.02
CA THR D 20 11.16 38.27 0.52
C THR D 20 11.08 38.26 2.03
N LEU D 21 10.67 37.12 2.58
CA LEU D 21 10.57 36.97 4.02
C LEU D 21 10.61 35.50 4.36
N GLY D 22 10.94 35.22 5.61
CA GLY D 22 11.03 33.85 6.06
C GLY D 22 12.48 33.45 6.30
N GLN D 23 12.78 32.18 6.07
CA GLN D 23 14.13 31.66 6.28
C GLN D 23 14.99 31.81 5.03
N GLY D 24 16.29 31.99 5.22
CA GLY D 24 17.18 32.15 4.08
C GLY D 24 18.51 31.43 4.24
N ASP D 25 18.50 30.33 4.97
CA ASP D 25 19.70 29.52 5.21
C ASP D 25 20.47 29.13 3.93
N VAL D 26 19.74 28.88 2.85
CA VAL D 26 20.40 28.50 1.60
C VAL D 26 20.36 29.54 0.51
N GLY D 27 20.07 30.79 0.89
CA GLY D 27 20.05 31.89 -0.05
C GLY D 27 18.72 32.22 -0.71
N GLN D 28 17.65 31.56 -0.31
CA GLN D 28 16.35 31.82 -0.93
C GLN D 28 15.78 33.22 -0.69
N LEU D 29 16.37 33.99 0.23
CA LEU D 29 15.87 35.35 0.47
C LEU D 29 16.56 36.33 -0.48
N GLY D 30 17.73 35.94 -0.99
CA GLY D 30 18.47 36.78 -1.92
C GLY D 30 19.02 38.07 -1.33
N LEU D 31 19.23 38.09 -0.02
CA LEU D 31 19.73 39.27 0.65
C LEU D 31 21.20 39.17 1.08
N GLY D 32 21.93 38.22 0.50
CA GLY D 32 23.34 38.09 0.84
C GLY D 32 23.69 37.05 1.88
N GLU D 33 24.99 36.88 2.12
CA GLU D 33 25.51 35.91 3.08
C GLU D 33 25.19 36.13 4.56
N ASN D 34 24.82 37.34 4.93
CA ASN D 34 24.56 37.60 6.34
C ASN D 34 23.12 37.74 6.80
N VAL D 35 22.18 37.50 5.89
CA VAL D 35 20.77 37.58 6.23
C VAL D 35 20.14 36.21 6.08
N MET D 36 20.06 35.49 7.20
CA MET D 36 19.50 34.14 7.22
C MET D 36 18.03 34.12 7.56
N GLU D 37 17.47 35.26 7.94
CA GLU D 37 16.07 35.34 8.30
C GLU D 37 15.50 36.75 8.24
N ARG D 38 14.26 36.84 7.78
CA ARG D 38 13.55 38.12 7.68
C ARG D 38 12.15 37.91 8.23
N LYS D 39 11.83 38.55 9.36
CA LYS D 39 10.51 38.41 9.95
C LYS D 39 9.50 39.31 9.25
N LYS D 40 10.00 40.28 8.51
CA LYS D 40 9.17 41.22 7.77
C LYS D 40 9.68 41.30 6.34
N PRO D 41 8.80 41.58 5.37
CA PRO D 41 9.17 41.68 3.96
C PRO D 41 10.37 42.60 3.74
N ALA D 42 11.37 42.10 3.02
CA ALA D 42 12.59 42.88 2.74
C ALA D 42 12.79 43.04 1.25
N LEU D 43 13.22 44.23 0.84
CA LEU D 43 13.45 44.53 -0.57
C LEU D 43 14.71 43.82 -1.09
N VAL D 44 14.57 43.13 -2.22
CA VAL D 44 15.68 42.43 -2.85
C VAL D 44 16.20 43.26 -4.02
N SER D 45 17.51 43.43 -4.09
CA SER D 45 18.11 44.22 -5.18
C SER D 45 18.25 43.45 -6.49
N ILE D 46 17.56 43.92 -7.51
CA ILE D 46 17.61 43.31 -8.84
C ILE D 46 17.79 44.44 -9.85
N PRO D 47 18.77 44.30 -10.76
CA PRO D 47 19.09 45.29 -11.79
C PRO D 47 17.98 45.69 -12.77
N GLU D 48 16.81 45.09 -12.64
CA GLU D 48 15.70 45.40 -13.52
C GLU D 48 14.37 45.32 -12.80
N ASP D 49 13.32 45.82 -13.45
CA ASP D 49 11.98 45.74 -12.89
C ASP D 49 11.57 44.29 -13.11
N VAL D 50 10.82 43.73 -12.16
CA VAL D 50 10.38 42.34 -12.23
C VAL D 50 8.89 42.22 -12.49
N VAL D 51 8.49 41.30 -13.37
CA VAL D 51 7.08 41.12 -13.65
C VAL D 51 6.51 39.85 -13.02
N GLN D 52 7.39 38.93 -12.63
CA GLN D 52 6.94 37.69 -11.99
C GLN D 52 8.02 37.23 -11.02
N ALA D 53 7.59 36.83 -9.82
CA ALA D 53 8.52 36.37 -8.80
C ALA D 53 7.98 35.06 -8.28
N GLU D 54 8.69 33.97 -8.54
CA GLU D 54 8.25 32.64 -8.11
C GLU D 54 9.12 31.99 -7.05
N ALA D 55 8.46 31.40 -6.05
CA ALA D 55 9.18 30.72 -4.98
C ALA D 55 9.20 29.22 -5.27
N GLY D 56 10.38 28.65 -5.23
CA GLY D 56 10.53 27.22 -5.41
C GLY D 56 10.62 26.69 -4.00
N GLY D 57 10.86 25.40 -3.82
CA GLY D 57 10.94 24.84 -2.48
C GLY D 57 11.96 25.53 -1.61
N MET D 58 13.16 25.72 -2.15
CA MET D 58 14.26 26.36 -1.41
C MET D 58 15.08 27.28 -2.32
N HIS D 59 14.40 27.90 -3.28
CA HIS D 59 15.05 28.86 -4.16
C HIS D 59 13.99 29.80 -4.69
N THR D 60 14.42 30.86 -5.36
CA THR D 60 13.52 31.86 -5.90
C THR D 60 13.96 32.21 -7.32
N VAL D 61 12.97 32.44 -8.18
CA VAL D 61 13.24 32.78 -9.57
C VAL D 61 12.40 34.01 -9.93
N CYS D 62 13.06 35.04 -10.45
CA CYS D 62 12.37 36.26 -10.83
C CYS D 62 12.55 36.51 -12.33
N LEU D 63 11.48 37.00 -12.95
CA LEU D 63 11.47 37.30 -14.38
C LEU D 63 11.43 38.81 -14.56
N SER D 64 12.40 39.37 -15.27
CA SER D 64 12.43 40.82 -15.48
C SER D 64 11.51 41.19 -16.64
N LYS D 65 11.16 42.47 -16.70
CA LYS D 65 10.28 42.95 -17.77
C LYS D 65 10.89 42.78 -19.16
N SER D 66 12.20 42.58 -19.23
CA SER D 66 12.87 42.40 -20.52
C SER D 66 12.96 40.94 -20.92
N GLY D 67 12.48 40.05 -20.07
CA GLY D 67 12.53 38.64 -20.39
C GLY D 67 13.75 37.89 -19.90
N GLN D 68 14.46 38.47 -18.94
CA GLN D 68 15.65 37.81 -18.39
C GLN D 68 15.28 37.17 -17.07
N VAL D 69 15.93 36.05 -16.77
CA VAL D 69 15.65 35.31 -15.54
C VAL D 69 16.76 35.48 -14.49
N TYR D 70 16.37 35.69 -13.25
CA TYR D 70 17.31 35.82 -12.14
C TYR D 70 16.94 34.77 -11.11
N SER D 71 17.93 34.26 -10.41
CA SER D 71 17.67 33.23 -9.42
C SER D 71 18.59 33.32 -8.23
N PHE D 72 18.14 32.75 -7.11
CA PHE D 72 18.90 32.68 -5.88
C PHE D 72 18.30 31.59 -5.01
N GLY D 73 19.16 30.95 -4.21
CA GLY D 73 18.69 29.86 -3.36
C GLY D 73 19.63 28.67 -3.46
N CYS D 74 19.14 27.49 -3.10
CA CYS D 74 19.98 26.28 -3.13
C CYS D 74 20.20 25.75 -4.54
N ASN D 75 21.47 25.63 -4.91
CA ASN D 75 21.86 25.17 -6.24
C ASN D 75 22.47 23.76 -6.23
N ASP D 76 22.29 23.01 -5.14
CA ASP D 76 22.85 21.67 -5.04
C ASP D 76 22.44 20.71 -6.16
N GLU D 77 21.25 20.92 -6.73
CA GLU D 77 20.75 20.06 -7.81
C GLU D 77 20.66 20.86 -9.12
N GLY D 78 21.19 22.08 -9.11
CA GLY D 78 21.18 22.91 -10.31
C GLY D 78 19.94 23.78 -10.53
N ALA D 79 19.09 23.89 -9.52
CA ALA D 79 17.86 24.69 -9.65
C ALA D 79 18.06 26.14 -10.06
N LEU D 80 19.21 26.74 -9.74
CA LEU D 80 19.46 28.13 -10.08
C LEU D 80 19.78 28.36 -11.56
N GLY D 81 20.18 27.31 -12.27
CA GLY D 81 20.48 27.43 -13.69
C GLY D 81 21.65 28.33 -14.02
N ARG D 82 22.58 28.49 -13.08
CA ARG D 82 23.75 29.32 -13.28
C ARG D 82 24.85 28.82 -12.36
N ASP D 83 26.10 29.17 -12.64
CA ASP D 83 27.20 28.72 -11.80
C ASP D 83 27.32 29.53 -10.53
N THR D 84 27.53 28.85 -9.41
CA THR D 84 27.67 29.53 -8.14
C THR D 84 28.97 29.16 -7.44
N SER D 85 30.04 29.09 -8.22
CA SER D 85 31.36 28.76 -7.69
C SER D 85 31.90 29.92 -6.86
N VAL D 86 31.39 31.11 -7.12
CA VAL D 86 31.81 32.29 -6.37
C VAL D 86 31.17 32.19 -4.99
N GLU D 87 31.98 32.30 -3.94
CA GLU D 87 31.47 32.21 -2.58
C GLU D 87 30.33 33.20 -2.31
N GLY D 88 29.20 32.67 -1.87
CA GLY D 88 28.03 33.49 -1.58
C GLY D 88 27.19 33.89 -2.78
N SER D 89 27.60 33.50 -3.98
CA SER D 89 26.87 33.86 -5.18
C SER D 89 25.43 33.32 -5.22
N GLU D 90 25.14 32.29 -4.44
CA GLU D 90 23.79 31.73 -4.41
C GLU D 90 22.90 32.54 -3.48
N MET D 91 23.51 33.37 -2.65
CA MET D 91 22.80 34.20 -1.67
C MET D 91 22.23 35.51 -2.23
N VAL D 92 22.56 35.83 -3.47
CA VAL D 92 22.06 37.06 -4.10
C VAL D 92 21.60 36.76 -5.52
N PRO D 93 20.70 37.58 -6.06
CA PRO D 93 20.20 37.35 -7.43
C PRO D 93 21.32 37.25 -8.46
N GLY D 94 21.21 36.27 -9.34
CA GLY D 94 22.20 36.06 -10.38
C GLY D 94 21.45 35.79 -11.67
N LYS D 95 21.97 36.28 -12.78
CA LYS D 95 21.31 36.10 -14.07
C LYS D 95 21.51 34.70 -14.67
N VAL D 96 20.46 34.14 -15.25
CA VAL D 96 20.55 32.83 -15.89
C VAL D 96 20.81 33.07 -17.37
N GLU D 97 21.91 32.54 -17.89
CA GLU D 97 22.24 32.74 -19.29
C GLU D 97 21.28 31.99 -20.20
N LEU D 98 20.37 32.74 -20.81
CA LEU D 98 19.37 32.19 -21.71
C LEU D 98 19.04 33.25 -22.76
N GLN D 99 19.52 33.05 -23.98
CA GLN D 99 19.30 33.98 -25.08
C GLN D 99 17.88 33.88 -25.65
N GLU D 100 16.89 34.01 -24.78
CA GLU D 100 15.50 33.93 -25.20
C GLU D 100 14.68 34.92 -24.39
N LYS D 101 13.62 35.45 -24.96
CA LYS D 101 12.77 36.37 -24.22
C LYS D 101 11.76 35.51 -23.46
N VAL D 102 11.95 35.40 -22.15
CA VAL D 102 11.07 34.60 -21.30
C VAL D 102 9.84 35.40 -20.89
N VAL D 103 8.67 34.75 -20.92
CA VAL D 103 7.42 35.42 -20.55
C VAL D 103 6.80 34.85 -19.27
N GLN D 104 7.25 33.67 -18.86
CA GLN D 104 6.73 33.03 -17.66
C GLN D 104 7.72 32.01 -17.12
N VAL D 105 7.75 31.88 -15.80
CA VAL D 105 8.63 30.94 -15.13
C VAL D 105 7.84 30.16 -14.10
N SER D 106 8.35 28.99 -13.72
CA SER D 106 7.70 28.18 -12.68
C SER D 106 8.85 27.48 -11.96
N ALA D 107 8.66 27.18 -10.68
CA ALA D 107 9.72 26.55 -9.91
C ALA D 107 9.22 25.50 -8.95
N GLY D 108 9.94 24.39 -8.89
CA GLY D 108 9.61 23.31 -7.98
C GLY D 108 10.66 23.23 -6.90
N ASP D 109 10.86 22.04 -6.35
CA ASP D 109 11.86 21.85 -5.30
C ASP D 109 13.29 21.83 -5.81
N SER D 110 13.51 21.20 -6.96
CA SER D 110 14.85 21.12 -7.51
C SER D 110 14.94 21.50 -8.97
N HIS D 111 13.83 21.98 -9.53
CA HIS D 111 13.82 22.39 -10.94
C HIS D 111 13.20 23.75 -11.14
N THR D 112 13.45 24.31 -12.31
CA THR D 112 12.91 25.60 -12.72
C THR D 112 12.57 25.48 -14.19
N ALA D 113 11.44 26.05 -14.60
CA ALA D 113 11.02 26.04 -15.99
C ALA D 113 10.83 27.46 -16.49
N ALA D 114 11.15 27.69 -17.75
CA ALA D 114 11.01 29.00 -18.36
C ALA D 114 10.31 28.83 -19.71
N LEU D 115 9.31 29.67 -19.96
CA LEU D 115 8.56 29.63 -21.21
C LEU D 115 8.92 30.85 -22.06
N THR D 116 9.33 30.61 -23.30
CA THR D 116 9.71 31.70 -24.20
C THR D 116 8.46 32.32 -24.84
N ASP D 117 8.60 33.55 -25.33
CA ASP D 117 7.49 34.24 -25.97
C ASP D 117 6.90 33.50 -27.16
N ASP D 118 7.65 32.58 -27.74
CA ASP D 118 7.14 31.83 -28.88
C ASP D 118 6.68 30.41 -28.54
N GLY D 119 6.59 30.12 -27.25
CA GLY D 119 6.11 28.81 -26.84
C GLY D 119 7.07 27.68 -26.53
N ARG D 120 8.37 27.95 -26.47
CA ARG D 120 9.33 26.90 -26.16
C ARG D 120 9.59 26.85 -24.66
N VAL D 121 9.79 25.65 -24.14
CA VAL D 121 10.03 25.49 -22.71
C VAL D 121 11.46 25.08 -22.39
N PHE D 122 12.11 25.84 -21.52
CA PHE D 122 13.46 25.53 -21.08
C PHE D 122 13.36 25.09 -19.63
N LEU D 123 14.19 24.12 -19.26
CA LEU D 123 14.15 23.57 -17.93
C LEU D 123 15.57 23.34 -17.42
N TRP D 124 15.74 23.36 -16.10
CA TRP D 124 17.04 23.08 -15.51
C TRP D 124 16.88 22.57 -14.10
N GLY D 125 17.92 21.93 -13.59
CA GLY D 125 17.87 21.36 -12.26
C GLY D 125 17.59 19.87 -12.37
N SER D 126 16.70 19.36 -11.52
CA SER D 126 16.39 17.94 -11.55
C SER D 126 15.11 17.66 -10.81
N PHE D 127 14.58 16.45 -10.99
CA PHE D 127 13.39 16.00 -10.28
C PHE D 127 13.88 14.95 -9.30
N ARG D 128 13.14 14.77 -8.21
CA ARG D 128 13.47 13.77 -7.19
C ARG D 128 12.21 12.97 -6.88
N ASP D 129 12.37 11.72 -6.49
CA ASP D 129 11.23 10.90 -6.10
C ASP D 129 11.51 10.44 -4.69
N ASN D 130 10.75 9.47 -4.17
CA ASN D 130 10.97 9.02 -2.80
C ASN D 130 12.30 8.28 -2.61
N ASN D 131 13.11 8.21 -3.66
CA ASN D 131 14.41 7.54 -3.56
C ASN D 131 15.58 8.44 -3.94
N GLY D 132 15.30 9.71 -4.21
CA GLY D 132 16.37 10.62 -4.57
C GLY D 132 16.24 11.16 -5.97
N VAL D 133 17.35 11.64 -6.52
CA VAL D 133 17.35 12.18 -7.87
C VAL D 133 16.95 11.16 -8.93
N ILE D 134 16.12 11.57 -9.87
CA ILE D 134 15.70 10.69 -10.95
C ILE D 134 16.11 11.29 -12.29
N GLY D 135 16.65 12.51 -12.24
CA GLY D 135 17.06 13.18 -13.46
C GLY D 135 16.11 14.30 -13.83
N LEU D 136 16.33 14.91 -15.00
CA LEU D 136 15.51 16.01 -15.48
C LEU D 136 14.76 15.62 -16.76
N LEU D 137 15.47 15.60 -17.89
CA LEU D 137 14.86 15.22 -19.16
C LEU D 137 15.35 13.83 -19.58
N GLU D 138 16.40 13.36 -18.93
CA GLU D 138 16.97 12.04 -19.20
C GLU D 138 17.24 11.36 -17.86
N PRO D 139 16.95 10.05 -17.76
CA PRO D 139 17.16 9.30 -16.53
C PRO D 139 18.47 9.57 -15.81
N MET D 140 18.37 9.95 -14.54
CA MET D 140 19.52 10.23 -13.68
C MET D 140 20.43 11.34 -14.21
N LYS D 141 19.95 12.09 -15.19
CA LYS D 141 20.76 13.16 -15.74
C LYS D 141 20.13 14.52 -15.41
N LYS D 142 20.76 15.24 -14.50
CA LYS D 142 20.26 16.56 -14.12
C LYS D 142 20.97 17.58 -15.01
N SER D 143 20.50 18.82 -15.02
CA SER D 143 21.14 19.84 -15.84
C SER D 143 21.37 21.13 -15.05
N MET D 144 22.61 21.60 -15.04
CA MET D 144 22.95 22.82 -14.33
C MET D 144 22.63 24.04 -15.17
N VAL D 145 22.38 23.82 -16.46
CA VAL D 145 22.06 24.91 -17.38
C VAL D 145 20.74 24.66 -18.11
N PRO D 146 20.11 25.74 -18.59
CA PRO D 146 18.84 25.60 -19.32
C PRO D 146 18.93 24.63 -20.50
N VAL D 147 17.97 23.72 -20.60
CA VAL D 147 17.90 22.76 -21.69
C VAL D 147 16.46 22.77 -22.19
N GLN D 148 16.28 22.79 -23.50
CA GLN D 148 14.95 22.85 -24.08
C GLN D 148 14.18 21.54 -24.02
N VAL D 149 12.89 21.63 -23.68
CA VAL D 149 12.02 20.46 -23.64
C VAL D 149 11.55 20.26 -25.08
N GLN D 150 11.81 19.10 -25.65
CA GLN D 150 11.42 18.83 -27.03
C GLN D 150 9.94 18.58 -27.23
N LEU D 151 9.24 19.59 -27.75
CA LEU D 151 7.81 19.51 -28.03
C LEU D 151 7.54 20.12 -29.39
N ASP D 152 6.70 19.46 -30.17
CA ASP D 152 6.37 19.92 -31.51
C ASP D 152 5.17 20.86 -31.54
N VAL D 153 4.78 21.38 -30.37
CA VAL D 153 3.66 22.31 -30.27
C VAL D 153 3.99 23.44 -29.30
N PRO D 154 3.44 24.64 -29.56
CA PRO D 154 3.71 25.78 -28.68
C PRO D 154 3.05 25.61 -27.31
N VAL D 155 3.74 26.04 -26.26
CA VAL D 155 3.21 25.95 -24.91
C VAL D 155 2.80 27.36 -24.48
N VAL D 156 1.66 27.48 -23.80
CA VAL D 156 1.20 28.79 -23.38
C VAL D 156 1.30 29.00 -21.87
N LYS D 157 1.47 27.93 -21.11
CA LYS D 157 1.61 28.07 -19.67
C LYS D 157 2.37 26.91 -19.05
N VAL D 158 3.24 27.24 -18.10
CA VAL D 158 3.98 26.22 -17.38
C VAL D 158 3.61 26.38 -15.90
N ALA D 159 3.47 25.25 -15.22
CA ALA D 159 3.14 25.24 -13.79
C ALA D 159 3.95 24.12 -13.16
N SER D 160 4.46 24.35 -11.95
CA SER D 160 5.28 23.35 -11.27
C SER D 160 4.81 22.96 -9.88
N GLY D 161 4.96 21.67 -9.58
CA GLY D 161 4.65 21.16 -8.26
C GLY D 161 6.04 20.93 -7.67
N ASN D 162 6.15 20.26 -6.54
CA ASN D 162 7.47 20.00 -5.96
C ASN D 162 8.41 19.28 -6.92
N ASP D 163 7.90 18.23 -7.56
CA ASP D 163 8.73 17.47 -8.47
C ASP D 163 8.08 17.05 -9.78
N HIS D 164 7.17 17.88 -10.28
CA HIS D 164 6.55 17.62 -11.57
C HIS D 164 6.28 18.93 -12.27
N LEU D 165 6.29 18.87 -13.60
CA LEU D 165 6.05 20.05 -14.41
C LEU D 165 4.83 19.79 -15.28
N VAL D 166 3.98 20.80 -15.39
CA VAL D 166 2.78 20.72 -16.20
C VAL D 166 2.87 21.81 -17.27
N MET D 167 2.61 21.45 -18.52
CA MET D 167 2.66 22.40 -19.60
C MET D 167 1.33 22.39 -20.34
N LEU D 168 0.77 23.58 -20.53
CA LEU D 168 -0.49 23.73 -21.23
C LEU D 168 -0.15 24.21 -22.64
N THR D 169 -0.57 23.44 -23.64
CA THR D 169 -0.28 23.80 -25.03
C THR D 169 -1.34 24.75 -25.57
N ALA D 170 -1.04 25.37 -26.70
CA ALA D 170 -1.97 26.31 -27.33
C ALA D 170 -3.25 25.63 -27.79
N ASP D 171 -3.22 24.30 -27.91
CA ASP D 171 -4.39 23.56 -28.35
C ASP D 171 -5.26 23.13 -27.16
N GLY D 172 -4.80 23.45 -25.95
CA GLY D 172 -5.56 23.09 -24.77
C GLY D 172 -5.19 21.74 -24.17
N ASP D 173 -4.12 21.13 -24.67
CA ASP D 173 -3.70 19.84 -24.13
C ASP D 173 -2.76 20.02 -22.96
N LEU D 174 -2.69 19.02 -22.10
CA LEU D 174 -1.82 19.10 -20.93
C LEU D 174 -0.73 18.03 -20.98
N TYR D 175 0.53 18.48 -21.03
CA TYR D 175 1.67 17.57 -21.05
C TYR D 175 2.33 17.62 -19.67
N THR D 176 2.73 16.47 -19.16
CA THR D 176 3.34 16.41 -17.84
C THR D 176 4.59 15.53 -17.79
N LEU D 177 5.48 15.86 -16.87
CA LEU D 177 6.71 15.09 -16.70
C LEU D 177 7.25 15.31 -15.28
N GLY D 178 8.05 14.36 -14.81
CA GLY D 178 8.62 14.46 -13.48
C GLY D 178 8.25 13.25 -12.66
N CYS D 179 8.20 13.42 -11.34
CA CYS D 179 7.84 12.32 -10.46
C CYS D 179 6.33 12.09 -10.55
N GLY D 180 5.91 10.84 -10.50
CA GLY D 180 4.49 10.53 -10.59
C GLY D 180 4.02 9.55 -9.54
N GLU D 181 4.83 9.38 -8.49
CA GLU D 181 4.51 8.44 -7.41
C GLU D 181 3.20 8.73 -6.68
N GLN D 182 2.71 9.96 -6.78
CA GLN D 182 1.45 10.32 -6.13
C GLN D 182 0.35 10.49 -7.16
N GLY D 183 0.68 10.24 -8.42
CA GLY D 183 -0.28 10.36 -9.49
C GLY D 183 -0.39 11.76 -10.09
N GLN D 184 0.54 12.64 -9.70
CA GLN D 184 0.52 14.02 -10.18
C GLN D 184 0.75 14.20 -11.68
N LEU D 185 1.16 13.14 -12.38
CA LEU D 185 1.38 13.24 -13.82
C LEU D 185 0.07 12.95 -14.55
N GLY D 186 -0.85 12.28 -13.86
CA GLY D 186 -2.14 11.95 -14.42
C GLY D 186 -2.10 11.07 -15.66
N ARG D 187 -1.04 10.28 -15.81
CA ARG D 187 -0.92 9.42 -16.99
C ARG D 187 -0.11 8.15 -16.78
N VAL D 188 0.20 7.84 -15.53
CA VAL D 188 0.96 6.62 -15.23
C VAL D 188 0.29 5.78 -14.15
N PRO D 189 0.06 4.50 -14.44
CA PRO D 189 -0.56 3.59 -13.47
C PRO D 189 0.28 3.52 -12.21
N GLU D 190 -0.38 3.46 -11.05
CA GLU D 190 0.31 3.38 -9.78
C GLU D 190 1.30 2.22 -9.75
N LEU D 191 0.95 1.13 -10.43
CA LEU D 191 1.80 -0.05 -10.50
C LEU D 191 3.16 0.25 -11.13
N PHE D 192 3.21 1.25 -12.01
CA PHE D 192 4.46 1.63 -12.67
C PHE D 192 4.97 3.00 -12.21
N ALA D 193 4.17 3.70 -11.41
CA ALA D 193 4.52 5.03 -10.93
C ALA D 193 5.79 5.11 -10.07
N ASN D 194 6.35 3.96 -9.68
CA ASN D 194 7.55 3.95 -8.87
C ASN D 194 8.79 3.73 -9.75
N ARG D 195 9.22 4.80 -10.41
CA ARG D 195 10.36 4.75 -11.32
C ARG D 195 10.11 3.80 -12.48
N GLY D 196 8.86 3.37 -12.63
CA GLY D 196 8.52 2.46 -13.71
C GLY D 196 8.15 1.07 -13.20
N GLY D 197 8.73 0.70 -12.05
CA GLY D 197 8.45 -0.60 -11.48
C GLY D 197 9.64 -1.52 -11.67
N ARG D 198 10.82 -1.03 -11.31
CA ARG D 198 12.07 -1.78 -11.41
C ARG D 198 12.67 -1.64 -12.82
N GLN D 199 12.14 -0.69 -13.59
CA GLN D 199 12.63 -0.46 -14.95
C GLN D 199 12.90 0.99 -15.32
N GLY D 200 12.54 1.34 -16.55
CA GLY D 200 12.78 2.69 -17.06
C GLY D 200 12.04 3.88 -16.46
N LEU D 201 12.74 5.01 -16.45
CA LEU D 201 12.24 6.27 -15.94
C LEU D 201 11.83 7.15 -17.12
N GLU D 202 12.10 6.65 -18.32
CA GLU D 202 11.80 7.36 -19.56
C GLU D 202 10.34 7.79 -19.66
N ARG D 203 9.43 6.93 -19.21
CA ARG D 203 8.01 7.25 -19.28
C ARG D 203 7.66 8.46 -18.41
N LEU D 204 8.39 8.64 -17.31
CA LEU D 204 8.13 9.75 -16.40
C LEU D 204 8.75 11.06 -16.86
N LEU D 205 9.97 11.01 -17.35
CA LEU D 205 10.69 12.20 -17.78
C LEU D 205 10.41 12.68 -19.20
N VAL D 206 9.80 11.83 -20.02
CA VAL D 206 9.46 12.23 -21.38
C VAL D 206 8.07 12.87 -21.36
N PRO D 207 7.97 14.14 -21.82
CA PRO D 207 6.69 14.86 -21.86
C PRO D 207 5.61 14.07 -22.59
N LYS D 208 4.53 13.77 -21.88
CA LYS D 208 3.42 13.03 -22.46
C LYS D 208 2.10 13.73 -22.14
N CYS D 209 1.17 13.67 -23.08
CA CYS D 209 -0.12 14.30 -22.94
C CYS D 209 -1.05 13.55 -21.98
N VAL D 210 -1.86 14.30 -21.25
CA VAL D 210 -2.82 13.73 -20.31
C VAL D 210 -4.06 13.41 -21.15
N MET D 211 -4.42 12.14 -21.24
CA MET D 211 -5.57 11.75 -22.04
C MET D 211 -6.78 11.26 -21.24
N LEU D 212 -7.96 11.64 -21.72
CA LEU D 212 -9.23 11.24 -21.12
C LEU D 212 -10.37 12.00 -21.80
N LYS D 213 -11.53 11.37 -21.89
CA LYS D 213 -12.69 12.00 -22.49
C LYS D 213 -13.82 12.15 -21.48
N HIS D 220 -10.98 14.30 -27.27
CA HIS D 220 -10.46 14.35 -25.90
C HIS D 220 -10.70 15.71 -25.26
N VAL D 221 -10.80 15.73 -23.94
CA VAL D 221 -11.03 16.95 -23.19
C VAL D 221 -9.84 17.90 -23.28
N ARG D 222 -10.12 19.19 -23.45
CA ARG D 222 -9.06 20.19 -23.54
C ARG D 222 -9.21 21.19 -22.40
N PHE D 223 -8.12 21.84 -22.03
CA PHE D 223 -8.13 22.77 -20.91
C PHE D 223 -7.76 24.20 -21.24
N GLN D 224 -8.20 25.12 -20.38
CA GLN D 224 -7.91 26.53 -20.57
C GLN D 224 -6.96 27.06 -19.49
N ASP D 225 -6.74 26.27 -18.45
CA ASP D 225 -5.82 26.65 -17.38
C ASP D 225 -5.43 25.44 -16.56
N ALA D 226 -4.28 25.52 -15.89
CA ALA D 226 -3.80 24.42 -15.06
C ALA D 226 -2.98 24.98 -13.90
N PHE D 227 -3.01 24.28 -12.78
CA PHE D 227 -2.31 24.73 -11.58
C PHE D 227 -1.73 23.54 -10.84
N CYS D 228 -0.70 23.79 -10.04
CA CYS D 228 -0.08 22.72 -9.28
C CYS D 228 0.03 22.95 -7.79
N GLY D 229 -0.19 21.89 -7.04
CA GLY D 229 -0.03 21.89 -5.61
C GLY D 229 1.28 21.15 -5.47
N ALA D 230 1.73 20.91 -4.25
CA ALA D 230 3.00 20.22 -4.05
C ALA D 230 3.05 18.85 -4.76
N TYR D 231 1.99 18.07 -4.63
CA TYR D 231 1.96 16.73 -5.22
C TYR D 231 0.68 16.44 -5.96
N PHE D 232 0.06 17.48 -6.49
CA PHE D 232 -1.19 17.32 -7.21
C PHE D 232 -1.37 18.42 -8.24
N THR D 233 -2.30 18.19 -9.16
CA THR D 233 -2.57 19.11 -10.25
C THR D 233 -4.05 19.38 -10.44
N PHE D 234 -4.39 20.63 -10.73
CA PHE D 234 -5.78 21.02 -10.99
C PHE D 234 -5.79 21.56 -12.43
N ALA D 235 -6.87 21.30 -13.15
CA ALA D 235 -6.97 21.80 -14.51
C ALA D 235 -8.41 22.18 -14.80
N ILE D 236 -8.61 23.33 -15.44
CA ILE D 236 -9.95 23.78 -15.77
C ILE D 236 -10.19 23.51 -17.24
N SER D 237 -11.20 22.68 -17.54
CA SER D 237 -11.48 22.33 -18.93
C SER D 237 -12.10 23.51 -19.65
N HIS D 238 -12.19 23.41 -20.98
CA HIS D 238 -12.78 24.49 -21.77
C HIS D 238 -14.20 24.73 -21.28
N GLU D 239 -14.89 23.66 -20.89
CA GLU D 239 -16.26 23.74 -20.40
C GLU D 239 -16.35 24.36 -19.01
N GLY D 240 -15.20 24.52 -18.36
CA GLY D 240 -15.20 25.10 -17.03
C GLY D 240 -15.20 24.07 -15.90
N HIS D 241 -15.20 22.79 -16.26
CA HIS D 241 -15.19 21.71 -15.28
C HIS D 241 -13.81 21.64 -14.64
N VAL D 242 -13.76 21.36 -13.34
CA VAL D 242 -12.50 21.26 -12.65
C VAL D 242 -12.04 19.81 -12.55
N TYR D 243 -10.86 19.53 -13.07
CA TYR D 243 -10.28 18.20 -13.01
C TYR D 243 -9.07 18.23 -12.09
N GLY D 244 -8.78 17.11 -11.48
CA GLY D 244 -7.64 17.05 -10.61
C GLY D 244 -7.04 15.66 -10.62
N PHE D 245 -5.76 15.59 -10.27
CA PHE D 245 -5.08 14.32 -10.17
C PHE D 245 -3.88 14.48 -9.26
N GLY D 246 -3.52 13.40 -8.59
CA GLY D 246 -2.39 13.45 -7.68
C GLY D 246 -2.82 13.09 -6.27
N LEU D 247 -2.03 13.55 -5.30
CA LEU D 247 -2.26 13.27 -3.89
C LEU D 247 -3.55 13.84 -3.30
N SER D 248 -4.27 13.02 -2.55
CA SER D 248 -5.50 13.46 -1.89
C SER D 248 -5.71 12.77 -0.56
N ASN D 249 -4.61 12.45 0.12
CA ASN D 249 -4.68 11.76 1.40
C ASN D 249 -5.35 12.59 2.49
N TYR D 250 -5.39 13.91 2.29
CA TYR D 250 -6.06 14.80 3.23
C TYR D 250 -7.22 15.50 2.51
N HIS D 251 -7.70 14.88 1.44
CA HIS D 251 -8.80 15.41 0.63
C HIS D 251 -8.44 16.71 -0.07
N GLN D 252 -7.16 16.96 -0.30
CA GLN D 252 -6.78 18.22 -0.94
C GLN D 252 -7.33 18.41 -2.34
N LEU D 253 -7.77 17.31 -2.97
CA LEU D 253 -8.35 17.40 -4.31
C LEU D 253 -9.88 17.51 -4.25
N GLY D 254 -10.42 17.64 -3.05
CA GLY D 254 -11.87 17.75 -2.90
C GLY D 254 -12.57 16.41 -3.12
N THR D 255 -11.85 15.34 -2.83
CA THR D 255 -12.37 13.99 -2.97
C THR D 255 -13.05 13.56 -1.67
N PRO D 256 -14.19 12.86 -1.77
CA PRO D 256 -14.86 12.42 -0.55
C PRO D 256 -13.97 11.45 0.24
N GLY D 257 -13.14 10.70 -0.48
CA GLY D 257 -12.24 9.75 0.16
C GLY D 257 -10.81 10.28 0.17
N THR D 258 -9.87 9.50 0.70
CA THR D 258 -8.47 9.93 0.76
C THR D 258 -7.60 9.20 -0.25
N GLU D 259 -8.24 8.69 -1.30
CA GLU D 259 -7.56 7.96 -2.36
C GLU D 259 -6.89 8.89 -3.38
N SER D 260 -5.62 8.64 -3.67
CA SER D 260 -4.89 9.45 -4.64
C SER D 260 -5.46 9.16 -6.02
N CYS D 261 -5.46 10.16 -6.89
CA CYS D 261 -5.99 10.02 -8.24
C CYS D 261 -4.89 9.98 -9.27
N PHE D 262 -4.63 8.80 -9.83
CA PHE D 262 -3.59 8.67 -10.84
C PHE D 262 -4.13 9.02 -12.21
N ILE D 263 -5.45 9.10 -12.31
CA ILE D 263 -6.13 9.45 -13.57
C ILE D 263 -6.92 10.73 -13.30
N PRO D 264 -6.93 11.68 -14.25
CA PRO D 264 -7.67 12.93 -14.05
C PRO D 264 -9.13 12.64 -13.72
N GLN D 265 -9.61 13.24 -12.63
CA GLN D 265 -10.99 13.06 -12.19
C GLN D 265 -11.76 14.36 -12.26
N ASN D 266 -13.00 14.30 -12.76
CA ASN D 266 -13.82 15.50 -12.81
C ASN D 266 -14.25 15.66 -11.35
N LEU D 267 -13.75 16.70 -10.70
CA LEU D 267 -14.05 16.93 -9.29
C LEU D 267 -15.47 17.43 -9.01
N THR D 268 -16.30 16.51 -8.49
CA THR D 268 -17.69 16.77 -8.16
C THR D 268 -17.86 17.90 -7.14
N SER D 269 -16.98 17.92 -6.14
CA SER D 269 -17.03 18.93 -5.08
C SER D 269 -16.94 20.34 -5.64
N PHE D 270 -16.41 20.48 -6.85
CA PHE D 270 -16.30 21.79 -7.47
C PHE D 270 -17.41 22.01 -8.48
N LYS D 271 -18.38 21.10 -8.49
CA LYS D 271 -19.52 21.21 -9.39
C LYS D 271 -20.38 22.39 -8.93
N ASN D 272 -20.59 23.34 -9.83
CA ASN D 272 -21.40 24.50 -9.52
C ASN D 272 -22.08 25.00 -10.80
N SER D 273 -23.23 25.66 -10.64
CA SER D 273 -23.97 26.16 -11.78
C SER D 273 -23.83 27.67 -11.92
N THR D 274 -23.77 28.36 -10.78
CA THR D 274 -23.64 29.81 -10.78
C THR D 274 -22.18 30.21 -10.56
N LYS D 275 -21.36 29.24 -10.17
CA LYS D 275 -19.95 29.49 -9.90
C LYS D 275 -19.00 29.16 -11.04
N SER D 276 -17.89 29.87 -11.06
CA SER D 276 -16.83 29.67 -12.02
C SER D 276 -15.55 29.71 -11.21
N TRP D 277 -14.78 28.63 -11.23
CA TRP D 277 -13.53 28.59 -10.50
C TRP D 277 -12.46 29.16 -11.42
N VAL D 278 -11.64 30.06 -10.90
CA VAL D 278 -10.62 30.70 -11.74
C VAL D 278 -9.18 30.57 -11.26
N GLY D 279 -8.98 30.09 -10.04
CA GLY D 279 -7.63 29.96 -9.53
C GLY D 279 -7.48 28.89 -8.47
N PHE D 280 -6.34 28.19 -8.50
CA PHE D 280 -6.03 27.13 -7.55
C PHE D 280 -4.58 27.19 -7.12
N SER D 281 -4.32 26.75 -5.90
CA SER D 281 -2.97 26.71 -5.36
C SER D 281 -2.99 25.66 -4.28
N GLY D 282 -1.82 25.18 -3.89
CA GLY D 282 -1.81 24.17 -2.85
C GLY D 282 -0.46 23.89 -2.27
N GLY D 283 -0.46 23.47 -1.01
CA GLY D 283 0.76 23.13 -0.33
C GLY D 283 0.86 21.61 -0.35
N GLN D 284 1.42 21.02 0.69
CA GLN D 284 1.54 19.57 0.71
C GLN D 284 0.19 18.92 0.95
N HIS D 285 -0.54 19.44 1.92
CA HIS D 285 -1.80 18.84 2.34
C HIS D 285 -3.05 19.71 2.29
N HIS D 286 -2.96 20.88 1.70
CA HIS D 286 -4.12 21.75 1.61
C HIS D 286 -4.14 22.47 0.29
N THR D 287 -5.33 22.97 -0.05
CA THR D 287 -5.58 23.69 -1.29
C THR D 287 -6.34 24.98 -0.97
N VAL D 288 -5.99 26.04 -1.69
CA VAL D 288 -6.69 27.32 -1.55
C VAL D 288 -7.07 27.69 -2.98
N CYS D 289 -8.35 27.97 -3.21
CA CYS D 289 -8.82 28.30 -4.54
C CYS D 289 -9.72 29.54 -4.51
N MET D 290 -10.08 30.05 -5.67
CA MET D 290 -10.93 31.23 -5.72
C MET D 290 -11.89 31.18 -6.89
N ASP D 291 -13.05 31.82 -6.73
CA ASP D 291 -14.05 31.82 -7.80
C ASP D 291 -14.09 33.19 -8.49
N SER D 292 -14.93 33.29 -9.52
CA SER D 292 -15.05 34.52 -10.29
C SER D 292 -15.63 35.70 -9.52
N GLU D 293 -16.19 35.44 -8.35
CA GLU D 293 -16.77 36.50 -7.53
C GLU D 293 -15.78 37.10 -6.55
N GLY D 294 -14.53 36.64 -6.61
CA GLY D 294 -13.54 37.17 -5.70
C GLY D 294 -13.57 36.53 -4.33
N LYS D 295 -14.15 35.35 -4.23
CA LYS D 295 -14.21 34.64 -2.95
C LYS D 295 -13.14 33.56 -2.95
N ALA D 296 -12.49 33.39 -1.80
CA ALA D 296 -11.44 32.39 -1.63
C ALA D 296 -11.98 31.24 -0.76
N TYR D 297 -11.57 30.02 -1.11
CA TYR D 297 -11.99 28.81 -0.40
C TYR D 297 -10.80 27.94 -0.10
N SER D 298 -10.94 27.07 0.90
CA SER D 298 -9.84 26.17 1.23
C SER D 298 -10.40 24.78 1.52
N LEU D 299 -9.52 23.80 1.46
CA LEU D 299 -9.89 22.42 1.77
C LEU D 299 -8.62 21.64 2.05
N GLY D 300 -8.78 20.50 2.71
CA GLY D 300 -7.64 19.67 3.05
C GLY D 300 -7.36 19.65 4.55
N ARG D 301 -6.09 19.41 4.88
CA ARG D 301 -5.62 19.33 6.26
C ARG D 301 -5.76 20.66 7.00
N ALA D 302 -6.16 20.58 8.27
CA ALA D 302 -6.37 21.80 9.06
C ALA D 302 -5.26 22.16 10.05
N GLU D 303 -4.38 21.22 10.37
CA GLU D 303 -3.31 21.50 11.34
C GLU D 303 -2.55 22.79 11.11
N TYR D 304 -2.26 23.49 12.20
CA TYR D 304 -1.52 24.75 12.19
C TYR D 304 -2.25 25.91 11.50
N GLY D 305 -3.54 25.73 11.27
CA GLY D 305 -4.35 26.78 10.67
C GLY D 305 -4.20 27.05 9.19
N ARG D 306 -3.65 26.09 8.44
CA ARG D 306 -3.42 26.28 7.00
C ARG D 306 -4.68 26.51 6.15
N LEU D 307 -5.85 26.19 6.68
CA LEU D 307 -7.10 26.40 5.93
C LEU D 307 -7.61 27.84 6.08
N GLY D 308 -7.15 28.53 7.13
CA GLY D 308 -7.54 29.91 7.37
C GLY D 308 -9.02 30.11 7.68
N LEU D 309 -9.66 29.08 8.22
CA LEU D 309 -11.09 29.10 8.54
C LEU D 309 -11.42 29.41 10.00
N GLY D 310 -10.39 29.52 10.84
CA GLY D 310 -10.63 29.77 12.25
C GLY D 310 -10.01 28.66 13.09
N GLU D 311 -9.88 28.92 14.39
CA GLU D 311 -9.26 27.96 15.28
C GLU D 311 -9.98 26.64 15.49
N GLY D 312 -11.27 26.60 15.22
CA GLY D 312 -12.01 25.35 15.40
C GLY D 312 -12.08 24.54 14.13
N ALA D 313 -11.22 24.88 13.16
CA ALA D 313 -11.20 24.18 11.88
C ALA D 313 -10.75 22.72 11.94
N GLU D 314 -11.46 21.90 11.18
CA GLU D 314 -11.17 20.47 11.06
C GLU D 314 -10.97 20.20 9.57
N GLU D 315 -10.43 19.03 9.25
CA GLU D 315 -10.19 18.65 7.87
C GLU D 315 -11.43 18.86 6.99
N LYS D 316 -11.22 19.43 5.81
CA LYS D 316 -12.32 19.72 4.88
C LYS D 316 -12.18 18.98 3.55
N SER D 317 -13.26 18.39 3.06
CA SER D 317 -13.24 17.65 1.80
C SER D 317 -13.95 18.37 0.66
N ILE D 318 -14.50 19.53 0.96
CA ILE D 318 -15.18 20.35 -0.04
C ILE D 318 -14.68 21.77 0.15
N PRO D 319 -14.57 22.54 -0.94
CA PRO D 319 -14.09 23.93 -0.82
C PRO D 319 -14.93 24.70 0.18
N THR D 320 -14.27 25.26 1.17
CA THR D 320 -14.95 26.00 2.23
C THR D 320 -14.59 27.48 2.22
N LEU D 321 -15.62 28.33 2.26
CA LEU D 321 -15.41 29.78 2.22
C LEU D 321 -14.57 30.38 3.35
N ILE D 322 -13.55 31.14 2.96
CA ILE D 322 -12.69 31.82 3.93
C ILE D 322 -13.43 33.15 4.08
N SER D 323 -14.18 33.28 5.17
CA SER D 323 -15.00 34.47 5.39
C SER D 323 -14.34 35.78 5.79
N ARG D 324 -13.20 35.73 6.48
CA ARG D 324 -12.56 36.98 6.90
C ARG D 324 -11.71 37.65 5.84
N LEU D 325 -12.22 37.77 4.62
CA LEU D 325 -11.45 38.38 3.53
C LEU D 325 -12.23 39.31 2.60
N PRO D 326 -11.56 40.35 2.08
CA PRO D 326 -12.14 41.31 1.16
C PRO D 326 -12.17 40.59 -0.20
N ALA D 327 -12.65 41.25 -1.25
CA ALA D 327 -12.67 40.63 -2.57
C ALA D 327 -11.23 40.22 -2.91
N VAL D 328 -11.07 39.00 -3.40
CA VAL D 328 -9.75 38.47 -3.74
C VAL D 328 -9.43 38.47 -5.23
N SER D 329 -8.16 38.75 -5.57
CA SER D 329 -7.69 38.76 -6.96
C SER D 329 -6.84 37.51 -7.26
N SER D 330 -6.10 37.02 -6.27
CA SER D 330 -5.29 35.81 -6.46
C SER D 330 -5.03 35.12 -5.13
N VAL D 331 -4.64 33.84 -5.20
CA VAL D 331 -4.34 33.07 -4.00
C VAL D 331 -3.05 32.28 -4.23
N ALA D 332 -2.39 31.88 -3.14
CA ALA D 332 -1.17 31.10 -3.21
C ALA D 332 -1.00 30.28 -1.94
N CYS D 333 -0.18 29.24 -2.04
CA CYS D 333 0.09 28.37 -0.90
C CYS D 333 1.58 28.09 -0.78
N GLY D 334 2.03 27.93 0.45
CA GLY D 334 3.40 27.56 0.71
C GLY D 334 3.22 26.14 1.23
N ALA D 335 4.28 25.50 1.70
CA ALA D 335 4.16 24.13 2.21
C ALA D 335 3.01 23.96 3.23
N SER D 336 2.94 24.86 4.21
CA SER D 336 1.91 24.77 5.24
C SER D 336 1.28 26.13 5.55
N VAL D 337 1.27 27.02 4.57
CA VAL D 337 0.70 28.34 4.72
C VAL D 337 -0.17 28.70 3.52
N GLY D 338 -1.04 29.70 3.70
CA GLY D 338 -1.91 30.12 2.62
C GLY D 338 -1.89 31.63 2.50
N TYR D 339 -2.23 32.15 1.32
CA TYR D 339 -2.26 33.59 1.09
C TYR D 339 -3.36 33.98 0.14
N ALA D 340 -3.80 35.23 0.25
CA ALA D 340 -4.80 35.77 -0.64
C ALA D 340 -4.42 37.23 -0.88
N VAL D 341 -4.39 37.62 -2.15
CA VAL D 341 -4.11 39.01 -2.51
C VAL D 341 -5.48 39.59 -2.87
N THR D 342 -5.82 40.72 -2.26
CA THR D 342 -7.11 41.35 -2.51
C THR D 342 -7.08 42.24 -3.75
N LYS D 343 -8.25 42.53 -4.28
CA LYS D 343 -8.34 43.37 -5.46
C LYS D 343 -7.79 44.77 -5.19
N ASP D 344 -7.83 45.19 -3.92
CA ASP D 344 -7.33 46.51 -3.56
C ASP D 344 -5.82 46.53 -3.26
N GLY D 345 -5.15 45.40 -3.47
CA GLY D 345 -3.71 45.35 -3.25
C GLY D 345 -3.17 44.94 -1.89
N ARG D 346 -4.01 44.38 -1.03
CA ARG D 346 -3.54 43.95 0.26
C ARG D 346 -3.27 42.46 0.21
N VAL D 347 -2.43 41.97 1.12
CA VAL D 347 -2.14 40.54 1.16
C VAL D 347 -2.40 39.99 2.56
N PHE D 348 -3.13 38.88 2.61
CA PHE D 348 -3.45 38.23 3.88
C PHE D 348 -2.74 36.88 3.91
N ALA D 349 -2.31 36.47 5.10
CA ALA D 349 -1.61 35.21 5.26
C ALA D 349 -2.18 34.41 6.43
N TRP D 350 -2.01 33.09 6.38
CA TRP D 350 -2.48 32.24 7.46
C TRP D 350 -1.74 30.92 7.40
N GLY D 351 -1.82 30.14 8.47
CA GLY D 351 -1.13 28.86 8.50
C GLY D 351 0.03 28.80 9.46
N MET D 352 0.88 27.80 9.29
CA MET D 352 2.03 27.59 10.16
C MET D 352 2.95 28.81 10.20
N GLY D 353 3.23 29.33 11.39
CA GLY D 353 4.07 30.51 11.48
C GLY D 353 5.54 30.28 11.78
N THR D 354 5.89 29.03 12.05
CA THR D 354 7.25 28.62 12.42
C THR D 354 8.41 29.16 11.56
N ASN D 355 8.20 29.30 10.26
CA ASN D 355 9.27 29.77 9.37
C ASN D 355 9.22 31.28 9.16
N TYR D 356 8.30 31.95 9.84
CA TYR D 356 8.11 33.39 9.72
C TYR D 356 7.60 33.80 8.34
N GLN D 357 6.85 32.91 7.70
CA GLN D 357 6.29 33.19 6.39
C GLN D 357 5.03 34.06 6.45
N LEU D 358 4.45 34.21 7.63
CA LEU D 358 3.22 34.99 7.79
C LEU D 358 3.39 36.50 7.72
N GLY D 359 4.59 36.98 8.05
CA GLY D 359 4.83 38.41 8.00
C GLY D 359 4.19 39.15 9.17
N THR D 360 3.93 38.44 10.25
CA THR D 360 3.31 39.03 11.44
C THR D 360 4.40 39.49 12.41
N GLY D 361 5.62 39.03 12.19
CA GLY D 361 6.71 39.38 13.06
C GLY D 361 6.90 38.30 14.12
N GLN D 362 5.91 37.42 14.21
CA GLN D 362 5.94 36.32 15.17
C GLN D 362 5.99 34.97 14.48
N ASP D 363 6.29 33.93 15.24
CA ASP D 363 6.38 32.58 14.70
C ASP D 363 5.20 31.72 15.09
N GLU D 364 4.12 32.34 15.55
CA GLU D 364 2.91 31.62 15.94
C GLU D 364 2.00 31.39 14.76
N ASP D 365 1.26 30.28 14.78
CA ASP D 365 0.34 29.96 13.70
C ASP D 365 -0.82 30.94 13.71
N ALA D 366 -1.36 31.23 12.53
CA ALA D 366 -2.51 32.12 12.39
C ALA D 366 -3.61 31.23 11.82
N TRP D 367 -4.66 30.98 12.59
CA TRP D 367 -5.71 30.11 12.11
C TRP D 367 -6.72 30.81 11.22
N SER D 368 -6.66 32.14 11.21
CA SER D 368 -7.52 32.97 10.37
C SER D 368 -6.60 33.95 9.65
N PRO D 369 -7.00 34.46 8.48
CA PRO D 369 -6.18 35.40 7.71
C PRO D 369 -5.77 36.66 8.49
N VAL D 370 -4.52 37.05 8.34
CA VAL D 370 -4.00 38.25 9.00
C VAL D 370 -3.32 39.08 7.92
N GLU D 371 -3.67 40.36 7.85
CA GLU D 371 -3.08 41.24 6.86
C GLU D 371 -1.58 41.40 7.11
N MET D 372 -0.79 41.32 6.05
CA MET D 372 0.65 41.48 6.16
C MET D 372 0.97 42.98 6.15
N MET D 373 1.77 43.41 7.11
CA MET D 373 2.14 44.82 7.18
C MET D 373 3.63 44.94 7.46
N GLY D 374 4.21 46.09 7.12
CA GLY D 374 5.63 46.29 7.33
C GLY D 374 6.12 47.50 6.56
N LYS D 375 7.29 48.00 6.93
CA LYS D 375 7.86 49.17 6.27
C LYS D 375 7.84 49.03 4.74
N GLN D 376 8.21 47.86 4.25
CA GLN D 376 8.25 47.65 2.81
C GLN D 376 6.90 47.54 2.13
N LEU D 377 5.83 47.46 2.91
CA LEU D 377 4.48 47.36 2.35
C LEU D 377 3.73 48.70 2.42
N GLU D 378 4.30 49.67 3.12
CA GLU D 378 3.66 50.99 3.23
C GLU D 378 3.69 51.70 1.87
N ASN D 379 2.59 52.34 1.51
CA ASN D 379 2.49 53.06 0.25
C ASN D 379 2.66 52.18 -0.97
N ARG D 380 2.43 50.88 -0.79
CA ARG D 380 2.56 49.95 -1.90
C ARG D 380 1.41 48.96 -1.90
N VAL D 381 1.17 48.36 -3.07
CA VAL D 381 0.12 47.36 -3.22
C VAL D 381 0.80 46.08 -3.66
N VAL D 382 0.18 44.95 -3.37
CA VAL D 382 0.76 43.65 -3.73
C VAL D 382 0.19 43.16 -5.05
N LEU D 383 1.09 42.83 -5.97
CA LEU D 383 0.71 42.33 -7.30
C LEU D 383 0.59 40.81 -7.28
N SER D 384 1.43 40.15 -6.50
CA SER D 384 1.40 38.70 -6.41
C SER D 384 2.21 38.20 -5.22
N VAL D 385 1.96 36.95 -4.84
CA VAL D 385 2.67 36.33 -3.75
C VAL D 385 2.92 34.89 -4.17
N SER D 386 4.08 34.36 -3.80
CA SER D 386 4.44 32.97 -4.11
C SER D 386 5.16 32.48 -2.86
N SER D 387 4.96 31.22 -2.49
CA SER D 387 5.60 30.73 -1.28
C SER D 387 6.20 29.35 -1.46
N GLY D 388 7.31 29.10 -0.77
CA GLY D 388 7.98 27.82 -0.86
C GLY D 388 7.87 27.07 0.45
N GLY D 389 8.92 26.33 0.80
CA GLY D 389 8.89 25.57 2.03
C GLY D 389 9.08 26.40 3.29
N GLN D 390 10.02 27.33 3.25
CA GLN D 390 10.32 28.14 4.43
C GLN D 390 10.40 29.63 4.17
N HIS D 391 10.14 30.04 2.93
CA HIS D 391 10.20 31.46 2.58
C HIS D 391 9.03 31.86 1.71
N THR D 392 8.83 33.18 1.56
CA THR D 392 7.74 33.70 0.76
C THR D 392 8.26 34.89 -0.04
N VAL D 393 7.76 35.04 -1.26
CA VAL D 393 8.17 36.11 -2.15
C VAL D 393 6.98 36.93 -2.61
N LEU D 394 7.12 38.26 -2.52
CA LEU D 394 6.07 39.19 -2.92
C LEU D 394 6.56 40.07 -4.05
N LEU D 395 5.65 40.48 -4.92
CA LEU D 395 5.96 41.40 -6.01
C LEU D 395 5.06 42.59 -5.69
N VAL D 396 5.67 43.75 -5.47
CA VAL D 396 4.89 44.93 -5.12
C VAL D 396 5.11 46.13 -6.03
N LYS D 397 4.18 47.08 -5.97
CA LYS D 397 4.21 48.28 -6.78
C LYS D 397 3.72 49.49 -5.96
N ASP D 398 3.93 50.70 -6.48
CA ASP D 398 3.50 51.90 -5.80
C ASP D 398 1.97 51.97 -5.77
N LYS D 399 1.41 52.44 -4.65
CA LYS D 399 -0.04 52.52 -4.49
C LYS D 399 -0.69 53.71 -5.20
N GLU D 400 -1.84 53.45 -5.84
CA GLU D 400 -2.61 54.45 -6.56
C GLU D 400 -1.99 54.84 -7.91
S SO4 E . 6.31 -18.43 11.21
O1 SO4 E . 5.87 -17.72 12.43
O2 SO4 E . 5.65 -19.74 11.15
O3 SO4 E . 5.92 -17.63 10.04
O4 SO4 E . 7.77 -18.60 11.23
S SO4 F . 16.92 6.48 1.77
O1 SO4 F . 18.26 6.50 1.17
O2 SO4 F . 16.75 7.67 2.63
O3 SO4 F . 15.91 6.50 0.72
O4 SO4 F . 16.78 5.28 2.59
#